data_7VY6
#
_entry.id   7VY6
#
_cell.length_a   1.00
_cell.length_b   1.00
_cell.length_c   1.00
_cell.angle_alpha   90.00
_cell.angle_beta   90.00
_cell.angle_gamma   90.00
#
_symmetry.space_group_name_H-M   'P 1'
#
loop_
_entity.id
_entity.type
_entity.pdbx_description
1 polymer 'Capsid protein VP1'
2 polymer 'Capsid protein VP2'
3 polymer 'Capsid protein VP3'
4 polymer 'Capsid protein VP4'
5 polymer 'Complement decay-accelerating factor'
6 non-polymer 'PALMITIC ACID'
#
loop_
_entity_poly.entity_id
_entity_poly.type
_entity_poly.pdbx_seq_one_letter_code
_entity_poly.pdbx_strand_id
1 'polypeptide(L)'
;GPVEDVITAAIGRVADTVGTGPTNSEAIPALTAAETGHTSQVVPGDTMQTRHVKNYHSRSESTVENFLCRSACVYFTEYK
NSGSKRYAEWVVTTRQAAQLRRKLEFFTYIRFDLELTFVITSTQQPSTTQNQDAQILTHQIMYVPPGGPVPDKVDSYVWQ
TSTNPSVFWTEGNAPPRMSIPFLSIGNAYSNFYDGWSEFSRNGVYGINTLNNMGTLYARHVNTGSTGPIKSTIRIYFKPK
HVKAWIPRPPRLCQYEKAKNVNFQPSGVTTTRQSITTMTNTGAF
;
A
2 'polypeptide(L)'
;SPTVEECGYSDRVRSITLGNSTITTQECANVVVGYGVWPDYLKDSEATAEDQPTQPDVATCRFYTLDSVQWQKTSPGWWW
KLPDALSNLGLFGQNMQYHYLGRTGYTIHVQCNASKFHQGCLLVVCVPEAEMGCATLDNTPSSAELLGGDAAKEFAGEPI
ASGSNKLVQRVVYNAGMGIGVGNLTIFPHQWINLRTNNSATIVMPYTNSVPMDNMFRHNNITLMVIPFVPLDYCPGSTTY
VPITVTIAPMCAEYNGLRLASHQ
;
B
3 'polypeptide(L)'
;GLPTMNTPGSCQFLTSDDFQSPSAMPQYDVTPEMKIPGEVKNLMEIAEVDSVVPVQNVGEKVNSMEAYQIPVRSNEGSGT
QVFGFPLQPGYSSVFSRTLLGEILNYYTHWSGSIKLTFMFCGSAMATGKFLLAYSPPGAGAPTKRVDAMLGTHVVWDVGL
QSSCVLCIPWISQTHYRYVASDEYTAGGFITCWYQTNIVVPADAQSSCYIMCFVSACNDFSVRLLKDTPFISQNSFFQ
;
C
4 'polypeptide(L)' MGAQVSTQKTGAHETGLNASGNSIIHYTNINYYKDAASNSATRQDFAQDPGKFTEPVKDIMIKSLPALN D
5 'polypeptide(L)'
;DCGLPPDVPNAQPALEGRTSFPEDTVITYKCEESFVKIPGEKDSVICLKGSQWSDIEEFCNRSCEVPTRLNSASLKQPYI
TQNYFPVGTVVEYECRPGYRREPSLSPKLTCLQNLKWSTAVEFCKKKSCPNPGEIRNGQIDVPGGILFGATISFSCNTGY
KLFGSTSSFCLISGSSVQWSDPLPECREIYCPAPPQIDNGIIQGERDHYGYRQSVTYACNKGFTMIGEHSIYCTVNNDEG
EWSGPPPECRGHHHHHH
;
E
#
loop_
_chem_comp.id
_chem_comp.type
_chem_comp.name
_chem_comp.formula
PLM non-polymer 'PALMITIC ACID' 'C16 H32 O2'
#
# COMPACT_ATOMS: atom_id res chain seq x y z
N ARG A 13 -22.09 9.91 -9.79
CA ARG A 13 -21.51 10.52 -11.02
C ARG A 13 -20.38 11.48 -10.63
N VAL A 14 -19.29 11.53 -11.38
CA VAL A 14 -18.14 12.40 -10.95
C VAL A 14 -18.55 13.88 -11.02
N ALA A 15 -17.91 14.75 -10.23
CA ALA A 15 -18.29 16.18 -10.17
C ALA A 15 -17.89 16.92 -11.45
N ASP A 16 -18.81 17.70 -12.02
CA ASP A 16 -18.52 18.51 -13.25
C ASP A 16 -17.66 19.73 -12.92
N THR A 17 -16.87 20.21 -13.89
CA THR A 17 -16.04 21.42 -13.70
C THR A 17 -16.91 22.68 -13.72
N VAL A 18 -16.44 23.77 -13.11
CA VAL A 18 -17.22 25.05 -13.05
C VAL A 18 -16.43 26.15 -13.79
N GLY A 19 -17.11 26.92 -14.64
CA GLY A 19 -16.44 27.99 -15.41
C GLY A 19 -16.10 29.21 -14.56
N THR A 20 -14.87 29.72 -14.65
CA THR A 20 -14.43 30.87 -13.86
C THR A 20 -13.73 31.87 -14.78
N GLY A 21 -13.39 33.02 -14.21
CA GLY A 21 -12.74 34.07 -14.96
C GLY A 21 -11.53 34.62 -14.24
N PRO A 22 -11.07 35.79 -14.65
CA PRO A 22 -9.92 36.40 -13.97
C PRO A 22 -10.28 36.88 -12.57
N THR A 23 -9.25 37.17 -11.79
CA THR A 23 -9.42 37.40 -10.37
C THR A 23 -8.23 38.21 -9.84
N ASN A 24 -8.53 39.23 -9.04
CA ASN A 24 -7.51 40.04 -8.38
C ASN A 24 -7.90 40.29 -6.94
N SER A 25 -8.29 39.25 -6.22
CA SER A 25 -8.82 39.38 -4.88
C SER A 25 -7.77 39.03 -3.85
N GLU A 26 -8.19 39.00 -2.58
CA GLU A 26 -7.34 38.57 -1.47
C GLU A 26 -7.55 37.12 -1.11
N ALA A 27 -8.40 36.40 -1.83
CA ALA A 27 -8.60 34.98 -1.58
C ALA A 27 -7.39 34.21 -2.07
N ILE A 28 -6.78 33.41 -1.18
CA ILE A 28 -5.57 32.63 -1.56
C ILE A 28 -5.88 31.14 -1.52
N PRO A 29 -6.62 30.57 -2.50
CA PRO A 29 -6.99 29.17 -2.46
C PRO A 29 -5.75 28.26 -2.54
N ALA A 30 -4.77 28.62 -3.37
CA ALA A 30 -3.55 27.80 -3.55
C ALA A 30 -2.71 27.75 -2.27
N LEU A 31 -2.53 28.88 -1.58
CA LEU A 31 -1.63 28.87 -0.39
C LEU A 31 -2.31 28.14 0.76
N THR A 32 -1.59 27.24 1.42
CA THR A 32 -2.17 26.40 2.50
C THR A 32 -1.05 25.87 3.38
N ALA A 33 -1.38 25.24 4.51
CA ALA A 33 -0.32 24.58 5.32
C ALA A 33 -0.64 23.08 5.38
N ALA A 34 0.29 22.25 4.92
CA ALA A 34 0.12 20.78 4.95
C ALA A 34 0.60 20.24 6.30
N GLU A 35 1.06 21.13 7.18
CA GLU A 35 1.48 20.71 8.55
C GLU A 35 0.25 20.13 9.25
N THR A 36 -0.92 20.72 9.02
CA THR A 36 -2.18 20.23 9.63
C THR A 36 -2.43 18.79 9.18
N GLY A 37 -2.07 18.45 7.93
CA GLY A 37 -2.37 17.11 7.40
C GLY A 37 -3.69 17.13 6.65
N HIS A 38 -4.31 18.30 6.53
CA HIS A 38 -5.57 18.45 5.77
C HIS A 38 -5.24 18.52 4.27
N THR A 39 -5.79 17.59 3.47
CA THR A 39 -5.58 17.64 2.03
C THR A 39 -6.37 18.79 1.42
N SER A 40 -5.69 19.62 0.63
CA SER A 40 -6.30 20.82 0.08
C SER A 40 -7.37 20.46 -0.94
N GLN A 41 -8.54 21.06 -0.80
CA GLN A 41 -9.67 20.77 -1.67
C GLN A 41 -9.80 21.81 -2.78
N VAL A 42 -8.73 21.99 -3.54
CA VAL A 42 -8.74 22.97 -4.61
C VAL A 42 -9.05 22.25 -5.92
N VAL A 43 -9.67 22.98 -6.83
CA VAL A 43 -10.07 22.47 -8.13
C VAL A 43 -9.35 23.30 -9.18
N PRO A 44 -9.21 22.83 -10.42
CA PRO A 44 -8.46 23.62 -11.41
C PRO A 44 -9.00 25.02 -11.62
N GLY A 45 -10.29 25.23 -11.45
CA GLY A 45 -10.85 26.55 -11.65
C GLY A 45 -10.41 27.59 -10.65
N ASP A 46 -9.60 27.23 -9.67
CA ASP A 46 -9.14 28.17 -8.66
C ASP A 46 -7.84 28.86 -9.04
N THR A 47 -7.01 28.22 -9.86
CA THR A 47 -5.69 28.76 -10.21
C THR A 47 -5.58 29.04 -11.70
N MET A 48 -6.69 29.13 -12.41
CA MET A 48 -6.67 29.40 -13.85
C MET A 48 -8.10 29.69 -14.28
N GLN A 49 -8.27 30.05 -15.56
CA GLN A 49 -9.64 30.27 -16.09
C GLN A 49 -10.12 28.95 -16.67
N THR A 50 -11.37 28.55 -16.39
CA THR A 50 -11.85 27.21 -16.83
C THR A 50 -13.17 27.34 -17.59
N ARG A 51 -13.52 26.32 -18.38
CA ARG A 51 -14.85 26.34 -19.06
C ARG A 51 -15.79 25.48 -18.22
N HIS A 52 -17.10 25.56 -18.48
CA HIS A 52 -18.04 24.67 -17.73
C HIS A 52 -18.36 23.47 -18.63
N VAL A 53 -17.90 22.28 -18.25
CA VAL A 53 -18.21 21.05 -19.03
C VAL A 53 -18.88 20.04 -18.09
N LYS A 54 -20.02 19.48 -18.49
CA LYS A 54 -20.68 18.43 -17.68
C LYS A 54 -19.80 17.18 -17.72
N ASN A 55 -19.62 16.52 -16.56
CA ASN A 55 -18.80 15.28 -16.52
C ASN A 55 -19.74 14.09 -16.36
N TYR A 56 -19.66 13.12 -17.27
CA TYR A 56 -20.59 11.96 -17.23
C TYR A 56 -19.84 10.71 -16.75
N HIS A 57 -18.58 10.88 -16.33
CA HIS A 57 -17.82 9.73 -15.87
C HIS A 57 -18.37 9.25 -14.53
N SER A 58 -18.07 8.00 -14.21
CA SER A 58 -18.65 7.35 -13.05
C SER A 58 -17.62 6.49 -12.35
N ARG A 59 -17.64 6.52 -11.03
CA ARG A 59 -16.74 5.71 -10.20
C ARG A 59 -17.40 4.40 -9.81
N SER A 60 -17.89 3.65 -10.79
CA SER A 60 -18.62 2.42 -10.51
C SER A 60 -17.72 1.20 -10.42
N GLU A 61 -16.54 1.24 -11.03
CA GLU A 61 -15.62 0.11 -10.99
C GLU A 61 -14.56 0.28 -9.92
N SER A 62 -14.68 1.35 -9.13
CA SER A 62 -13.69 1.67 -8.07
C SER A 62 -14.25 1.32 -6.69
N THR A 63 -15.48 0.79 -6.64
CA THR A 63 -16.09 0.43 -5.33
C THR A 63 -15.37 -0.79 -4.76
N VAL A 64 -15.35 -0.92 -3.43
CA VAL A 64 -14.66 -2.05 -2.74
C VAL A 64 -15.10 -3.39 -3.34
N GLU A 65 -16.41 -3.60 -3.53
CA GLU A 65 -16.93 -4.86 -4.11
C GLU A 65 -16.28 -5.14 -5.48
N ASN A 66 -16.55 -4.30 -6.48
CA ASN A 66 -16.01 -4.51 -7.82
C ASN A 66 -14.51 -4.71 -7.80
N PHE A 67 -13.84 -4.17 -6.78
CA PHE A 67 -12.37 -4.33 -6.69
C PHE A 67 -11.99 -5.76 -6.28
N LEU A 68 -12.54 -6.24 -5.15
CA LEU A 68 -12.19 -7.59 -4.62
C LEU A 68 -13.15 -8.69 -5.11
N CYS A 69 -14.20 -8.36 -5.85
CA CYS A 69 -15.18 -9.40 -6.25
C CYS A 69 -14.76 -10.15 -7.53
N ARG A 70 -13.66 -10.90 -7.48
CA ARG A 70 -13.20 -11.71 -8.65
C ARG A 70 -12.58 -13.02 -8.14
N SER A 71 -12.73 -14.11 -8.89
CA SER A 71 -12.18 -15.44 -8.49
C SER A 71 -10.65 -15.44 -8.61
N ALA A 72 -9.96 -16.00 -7.62
CA ALA A 72 -8.51 -16.03 -7.61
C ALA A 72 -8.03 -17.34 -7.01
N CYS A 73 -7.09 -18.00 -7.68
CA CYS A 73 -6.58 -19.28 -7.20
C CYS A 73 -5.70 -19.07 -5.99
N VAL A 74 -6.02 -19.75 -4.89
CA VAL A 74 -5.30 -19.59 -3.64
C VAL A 74 -4.44 -20.80 -3.29
N TYR A 75 -4.61 -21.92 -3.99
CA TYR A 75 -3.81 -23.12 -3.73
C TYR A 75 -4.16 -24.16 -4.77
N PHE A 76 -3.23 -25.09 -4.99
CA PHE A 76 -3.53 -26.30 -5.74
C PHE A 76 -2.58 -27.40 -5.29
N THR A 77 -3.10 -28.64 -5.18
CA THR A 77 -2.27 -29.78 -4.70
C THR A 77 -2.57 -31.04 -5.52
N GLU A 78 -1.69 -32.04 -5.50
CA GLU A 78 -1.86 -33.24 -6.37
C GLU A 78 -1.97 -34.53 -5.54
N TYR A 79 -2.95 -35.40 -5.84
CA TYR A 79 -3.10 -36.70 -5.14
C TYR A 79 -3.25 -37.82 -6.17
N LYS A 80 -2.90 -39.07 -5.82
CA LYS A 80 -2.92 -40.16 -6.83
C LYS A 80 -3.95 -41.25 -6.47
N ASN A 81 -4.06 -42.28 -7.31
CA ASN A 81 -5.01 -43.40 -7.06
C ASN A 81 -4.24 -44.65 -6.62
N SER A 82 -2.93 -44.51 -6.40
CA SER A 82 -2.07 -45.64 -5.96
C SER A 82 -0.76 -45.09 -5.41
N GLY A 83 0.00 -45.90 -4.67
CA GLY A 83 1.28 -45.47 -4.11
C GLY A 83 1.16 -45.04 -2.66
N SER A 84 1.74 -43.89 -2.32
CA SER A 84 1.71 -43.38 -0.92
C SER A 84 0.64 -42.27 -0.77
N LYS A 85 0.85 -41.13 -1.45
CA LYS A 85 -0.09 -39.99 -1.36
C LYS A 85 -1.42 -40.38 -2.02
N ARG A 86 -2.36 -40.90 -1.24
CA ARG A 86 -3.69 -41.30 -1.77
C ARG A 86 -4.72 -40.19 -1.52
N TYR A 87 -4.40 -39.22 -0.68
CA TYR A 87 -5.34 -38.13 -0.43
C TYR A 87 -4.55 -36.86 -0.16
N ALA A 88 -5.23 -35.73 -0.28
CA ALA A 88 -4.59 -34.43 -0.13
C ALA A 88 -5.27 -33.63 0.96
N GLU A 89 -4.49 -32.75 1.60
CA GLU A 89 -4.98 -31.91 2.69
C GLU A 89 -4.42 -30.51 2.55
N TRP A 90 -5.17 -29.54 3.08
CA TRP A 90 -4.78 -28.15 3.02
C TRP A 90 -5.36 -27.40 4.21
N VAL A 91 -4.51 -26.67 4.93
CA VAL A 91 -4.94 -25.84 6.05
C VAL A 91 -5.38 -24.49 5.51
N VAL A 92 -6.66 -24.17 5.68
CA VAL A 92 -7.25 -23.01 5.01
C VAL A 92 -6.51 -21.75 5.40
N THR A 93 -6.03 -21.02 4.39
CA THR A 93 -5.32 -19.73 4.61
C THR A 93 -5.28 -18.98 3.28
N THR A 94 -5.49 -17.66 3.28
CA THR A 94 -5.55 -16.88 2.01
C THR A 94 -4.16 -16.28 1.70
N ARG A 95 -3.16 -16.58 2.53
CA ARG A 95 -1.82 -15.96 2.35
C ARG A 95 -0.91 -16.81 1.46
N GLN A 96 -1.40 -17.95 0.97
CA GLN A 96 -0.56 -18.88 0.15
C GLN A 96 -0.11 -18.20 -1.15
N ALA A 97 -1.00 -17.45 -1.82
CA ALA A 97 -0.66 -16.81 -3.11
C ALA A 97 -0.30 -15.33 -2.87
N ALA A 98 0.10 -14.60 -3.91
CA ALA A 98 0.52 -13.22 -3.68
C ALA A 98 -0.54 -12.22 -4.13
N GLN A 99 -1.26 -12.50 -5.21
CA GLN A 99 -2.12 -11.48 -5.80
C GLN A 99 -3.31 -11.15 -4.91
N LEU A 100 -4.09 -12.15 -4.52
CA LEU A 100 -5.24 -11.90 -3.66
C LEU A 100 -4.80 -11.43 -2.28
N ARG A 101 -3.69 -11.95 -1.77
CA ARG A 101 -3.17 -11.47 -0.49
C ARG A 101 -2.87 -9.98 -0.54
N ARG A 102 -2.22 -9.53 -1.61
CA ARG A 102 -1.89 -8.11 -1.70
C ARG A 102 -3.12 -7.26 -1.93
N LYS A 103 -4.12 -7.78 -2.65
CA LYS A 103 -5.36 -7.03 -2.80
C LYS A 103 -6.11 -6.91 -1.48
N LEU A 104 -6.07 -7.97 -0.66
CA LEU A 104 -6.78 -7.95 0.61
C LEU A 104 -6.09 -7.06 1.62
N GLU A 105 -4.75 -7.03 1.56
CA GLU A 105 -3.92 -6.28 2.55
C GLU A 105 -4.08 -4.76 2.43
N PHE A 106 -4.91 -4.27 1.52
CA PHE A 106 -5.14 -2.83 1.45
C PHE A 106 -5.86 -2.32 2.68
N PHE A 107 -6.53 -3.20 3.42
CA PHE A 107 -7.37 -2.82 4.54
C PHE A 107 -6.96 -3.59 5.79
N THR A 108 -7.17 -2.97 6.94
CA THR A 108 -6.83 -3.61 8.20
C THR A 108 -7.88 -4.65 8.58
N TYR A 109 -9.15 -4.25 8.57
CA TYR A 109 -10.24 -5.17 8.96
C TYR A 109 -11.21 -5.31 7.78
N ILE A 110 -11.55 -6.54 7.41
CA ILE A 110 -12.49 -6.77 6.27
C ILE A 110 -13.56 -7.80 6.68
N ARG A 111 -14.81 -7.60 6.28
CA ARG A 111 -15.89 -8.57 6.55
C ARG A 111 -16.49 -8.98 5.20
N PHE A 112 -16.49 -10.27 4.85
CA PHE A 112 -16.96 -10.65 3.50
C PHE A 112 -17.45 -12.10 3.43
N ASP A 113 -18.48 -12.37 2.62
CA ASP A 113 -18.93 -13.77 2.38
C ASP A 113 -18.01 -14.38 1.33
N LEU A 114 -17.91 -15.72 1.26
CA LEU A 114 -16.94 -16.35 0.33
C LEU A 114 -17.65 -17.25 -0.68
N GLU A 115 -17.32 -17.14 -1.97
CA GLU A 115 -17.88 -18.06 -2.99
C GLU A 115 -16.76 -19.01 -3.43
N LEU A 116 -16.75 -20.24 -2.92
CA LEU A 116 -15.66 -21.20 -3.22
C LEU A 116 -15.96 -21.98 -4.50
N THR A 117 -14.94 -22.16 -5.36
CA THR A 117 -15.10 -22.95 -6.61
C THR A 117 -13.92 -23.91 -6.72
N PHE A 118 -14.15 -25.15 -7.14
CA PHE A 118 -13.06 -26.16 -7.19
C PHE A 118 -12.85 -26.66 -8.63
N VAL A 119 -11.60 -26.72 -9.09
CA VAL A 119 -11.31 -27.28 -10.45
C VAL A 119 -10.45 -28.54 -10.26
N ILE A 120 -10.89 -29.68 -10.79
CA ILE A 120 -10.13 -30.96 -10.59
C ILE A 120 -9.76 -31.55 -11.96
N THR A 121 -8.48 -31.88 -12.15
CA THR A 121 -8.01 -32.39 -13.43
C THR A 121 -7.08 -33.58 -13.22
N SER A 122 -7.26 -34.63 -14.01
CA SER A 122 -6.50 -35.86 -13.87
C SER A 122 -5.50 -36.03 -15.01
N THR A 123 -4.53 -36.91 -14.80
CA THR A 123 -3.49 -37.15 -15.79
C THR A 123 -2.94 -38.56 -15.63
N GLN A 124 -2.79 -39.26 -16.75
CA GLN A 124 -2.20 -40.59 -16.73
C GLN A 124 -0.69 -40.49 -16.62
N GLN A 125 -0.11 -41.26 -15.71
CA GLN A 125 1.29 -41.28 -15.37
C GLN A 125 2.02 -42.38 -16.12
N PRO A 126 3.31 -42.19 -16.42
CA PRO A 126 4.04 -43.18 -17.21
C PRO A 126 4.26 -44.47 -16.43
N SER A 127 3.93 -45.60 -17.05
CA SER A 127 4.08 -46.91 -16.38
C SER A 127 4.40 -47.99 -17.42
N THR A 128 4.03 -49.25 -17.11
CA THR A 128 4.29 -50.37 -18.04
C THR A 128 3.11 -51.36 -17.98
N THR A 129 2.01 -50.98 -17.34
CA THR A 129 0.88 -51.89 -17.27
C THR A 129 0.15 -51.92 -18.61
N GLN A 130 -0.02 -53.11 -19.16
CA GLN A 130 -0.74 -53.26 -20.41
C GLN A 130 -2.24 -53.28 -20.19
N ASN A 131 -2.97 -53.19 -21.30
CA ASN A 131 -4.45 -53.26 -21.33
C ASN A 131 -5.04 -52.27 -20.32
N GLN A 132 -4.91 -50.97 -20.58
CA GLN A 132 -5.45 -49.94 -19.66
C GLN A 132 -6.77 -49.39 -20.22
N ASP A 133 -7.89 -49.66 -19.53
CA ASP A 133 -9.23 -49.17 -19.93
C ASP A 133 -9.86 -48.61 -18.67
N ALA A 134 -9.72 -47.30 -18.46
CA ALA A 134 -10.19 -46.67 -17.24
C ALA A 134 -11.69 -46.45 -17.27
N GLN A 135 -12.23 -46.11 -16.11
CA GLN A 135 -13.62 -45.69 -15.96
C GLN A 135 -13.63 -44.25 -15.46
N ILE A 136 -14.82 -43.68 -15.35
CA ILE A 136 -14.95 -42.31 -14.90
C ILE A 136 -14.60 -42.21 -13.42
N LEU A 137 -13.75 -41.25 -13.07
CA LEU A 137 -13.34 -41.04 -11.70
C LEU A 137 -14.31 -40.09 -11.00
N THR A 138 -14.63 -40.40 -9.75
CA THR A 138 -15.39 -39.52 -8.89
C THR A 138 -14.51 -39.08 -7.73
N HIS A 139 -14.62 -37.81 -7.36
CA HIS A 139 -13.80 -37.21 -6.32
C HIS A 139 -14.68 -36.77 -5.17
N GLN A 140 -14.12 -36.85 -3.96
CA GLN A 140 -14.78 -36.36 -2.77
C GLN A 140 -13.91 -35.31 -2.10
N ILE A 141 -14.51 -34.17 -1.78
CA ILE A 141 -13.77 -33.08 -1.06
C ILE A 141 -14.45 -32.89 0.30
N MET A 142 -13.75 -33.20 1.39
CA MET A 142 -14.38 -33.14 2.74
C MET A 142 -13.74 -31.99 3.54
N TYR A 143 -14.56 -31.13 4.14
CA TYR A 143 -14.02 -30.04 4.99
C TYR A 143 -14.18 -30.43 6.46
N VAL A 144 -13.09 -30.34 7.23
CA VAL A 144 -13.15 -30.65 8.69
C VAL A 144 -12.98 -29.35 9.47
N PRO A 145 -13.96 -28.94 10.31
CA PRO A 145 -13.80 -27.75 11.16
C PRO A 145 -12.78 -28.08 12.26
N PRO A 146 -12.08 -27.10 12.86
CA PRO A 146 -11.04 -27.41 13.84
C PRO A 146 -11.62 -28.18 15.03
N GLY A 147 -10.94 -29.23 15.48
CA GLY A 147 -11.45 -30.06 16.58
C GLY A 147 -12.12 -31.33 16.08
N GLY A 148 -12.18 -31.50 14.75
CA GLY A 148 -12.88 -32.67 14.18
C GLY A 148 -11.94 -33.87 14.05
N PRO A 149 -12.43 -35.05 13.63
CA PRO A 149 -11.55 -36.20 13.42
C PRO A 149 -10.97 -36.11 12.00
N VAL A 150 -9.68 -35.74 11.94
CA VAL A 150 -8.99 -35.61 10.63
C VAL A 150 -8.75 -37.01 10.03
N PRO A 151 -8.91 -37.26 8.70
CA PRO A 151 -8.60 -38.57 8.14
C PRO A 151 -7.14 -38.94 8.39
N ASP A 152 -6.90 -40.17 8.85
CA ASP A 152 -5.50 -40.64 9.06
C ASP A 152 -5.13 -41.49 7.85
N LYS A 153 -6.14 -42.02 7.15
CA LYS A 153 -5.90 -42.84 5.97
C LYS A 153 -7.04 -42.65 4.97
N VAL A 154 -6.84 -43.15 3.75
CA VAL A 154 -7.77 -42.88 2.67
C VAL A 154 -9.08 -43.65 2.87
N ASP A 155 -9.01 -44.84 3.47
CA ASP A 155 -10.25 -45.60 3.77
C ASP A 155 -10.66 -45.36 5.23
N SER A 156 -10.54 -44.11 5.71
CA SER A 156 -10.89 -43.78 7.11
C SER A 156 -12.42 -43.75 7.31
N TYR A 157 -12.88 -44.04 8.54
CA TYR A 157 -14.34 -43.99 8.86
C TYR A 157 -14.84 -42.55 8.81
N VAL A 158 -13.96 -41.57 8.98
CA VAL A 158 -14.37 -40.13 9.06
C VAL A 158 -15.01 -39.68 7.74
N TRP A 159 -14.74 -40.36 6.63
CA TRP A 159 -15.26 -39.93 5.30
C TRP A 159 -16.79 -40.02 5.25
N GLN A 160 -17.42 -40.67 6.23
CA GLN A 160 -18.91 -40.71 6.31
C GLN A 160 -19.50 -39.30 6.17
N THR A 161 -18.81 -38.26 6.67
CA THR A 161 -19.28 -36.86 6.53
C THR A 161 -20.72 -36.71 7.02
N SER A 162 -21.06 -37.29 8.17
CA SER A 162 -22.41 -37.07 8.74
C SER A 162 -22.59 -35.57 9.01
N THR A 163 -22.07 -35.07 10.13
CA THR A 163 -22.13 -33.62 10.45
C THR A 163 -21.25 -32.81 9.47
N ASN A 164 -20.06 -33.31 9.13
CA ASN A 164 -19.11 -32.55 8.29
C ASN A 164 -19.64 -32.34 6.87
N PRO A 165 -19.48 -31.15 6.25
CA PRO A 165 -19.88 -30.92 4.86
C PRO A 165 -18.97 -31.63 3.85
N SER A 166 -19.55 -32.14 2.75
CA SER A 166 -18.74 -32.80 1.69
C SER A 166 -19.32 -32.50 0.31
N VAL A 167 -18.50 -32.58 -0.74
CA VAL A 167 -19.01 -32.38 -2.13
C VAL A 167 -18.47 -33.52 -3.02
N PHE A 168 -19.33 -34.13 -3.83
CA PHE A 168 -18.92 -35.25 -4.71
C PHE A 168 -19.01 -34.78 -6.17
N TRP A 169 -17.93 -34.93 -6.93
CA TRP A 169 -17.92 -34.44 -8.33
C TRP A 169 -17.47 -35.55 -9.28
N THR A 170 -18.20 -35.77 -10.37
CA THR A 170 -17.77 -36.77 -11.38
C THR A 170 -17.09 -36.03 -12.53
N GLU A 171 -15.94 -36.53 -12.98
CA GLU A 171 -15.14 -35.85 -14.03
C GLU A 171 -15.95 -35.73 -15.33
N GLY A 172 -15.83 -34.56 -15.99
CA GLY A 172 -16.54 -34.29 -17.25
C GLY A 172 -17.73 -33.38 -17.03
N ASN A 173 -18.01 -33.04 -15.77
CA ASN A 173 -19.17 -32.16 -15.45
C ASN A 173 -18.67 -30.75 -15.16
N ALA A 174 -19.60 -29.83 -14.80
CA ALA A 174 -19.23 -28.43 -14.48
C ALA A 174 -18.52 -28.39 -13.11
N PRO A 175 -17.54 -27.49 -12.90
CA PRO A 175 -16.79 -27.46 -11.65
C PRO A 175 -17.67 -27.15 -10.42
N PRO A 176 -17.45 -27.83 -9.27
CA PRO A 176 -18.29 -27.63 -8.08
C PRO A 176 -18.15 -26.22 -7.47
N ARG A 177 -19.26 -25.66 -6.97
CA ARG A 177 -19.23 -24.29 -6.37
C ARG A 177 -20.22 -24.22 -5.20
N MET A 178 -19.80 -23.63 -4.08
CA MET A 178 -20.70 -23.48 -2.89
C MET A 178 -20.45 -22.10 -2.27
N SER A 179 -21.38 -21.60 -1.45
CA SER A 179 -21.23 -20.27 -0.82
C SER A 179 -21.02 -20.42 0.69
N ILE A 180 -20.01 -19.75 1.25
CA ILE A 180 -19.68 -19.88 2.69
C ILE A 180 -19.95 -18.54 3.38
N PRO A 181 -20.70 -18.49 4.50
CA PRO A 181 -21.03 -17.23 5.18
C PRO A 181 -19.81 -16.59 5.87
N PHE A 182 -19.98 -15.40 6.45
CA PHE A 182 -18.87 -14.77 7.22
C PHE A 182 -18.60 -15.58 8.50
N LEU A 183 -17.60 -16.47 8.44
CA LEU A 183 -17.18 -17.29 9.58
C LEU A 183 -16.11 -16.55 10.35
N SER A 184 -16.41 -16.15 11.57
CA SER A 184 -15.42 -15.56 12.45
C SER A 184 -16.04 -15.40 13.83
N ILE A 185 -15.23 -15.62 14.86
CA ILE A 185 -15.69 -15.36 16.22
C ILE A 185 -15.66 -13.87 16.54
N GLY A 186 -14.91 -13.08 15.78
CA GLY A 186 -14.87 -11.65 15.97
C GLY A 186 -15.95 -10.95 15.17
N ASN A 187 -15.84 -9.64 15.09
CA ASN A 187 -16.78 -8.82 14.35
C ASN A 187 -16.29 -8.46 12.96
N ALA A 188 -15.09 -8.90 12.59
CA ALA A 188 -14.51 -8.66 11.28
C ALA A 188 -13.24 -9.51 11.19
N TYR A 189 -12.82 -9.78 9.97
CA TYR A 189 -11.56 -10.47 9.76
C TYR A 189 -10.41 -9.51 10.03
N SER A 190 -9.27 -10.07 10.40
CA SER A 190 -8.07 -9.29 10.66
C SER A 190 -7.00 -9.70 9.67
N ASN A 191 -6.59 -8.76 8.83
CA ASN A 191 -5.45 -9.03 7.96
C ASN A 191 -4.14 -8.88 8.71
N PHE A 192 -4.13 -8.10 9.78
CA PHE A 192 -2.93 -7.82 10.56
C PHE A 192 -3.22 -7.94 12.04
N TYR A 193 -2.26 -8.47 12.79
CA TYR A 193 -2.37 -8.62 14.24
C TYR A 193 -1.05 -8.21 14.86
N ASP A 194 -1.11 -7.42 15.92
CA ASP A 194 0.13 -6.94 16.60
C ASP A 194 0.14 -7.51 18.02
N GLY A 195 0.19 -8.84 18.16
CA GLY A 195 0.11 -9.43 19.50
C GLY A 195 0.65 -10.84 19.60
N TRP A 196 0.54 -11.46 20.78
CA TRP A 196 1.09 -12.83 21.01
C TRP A 196 -0.04 -13.77 21.42
N SER A 197 0.14 -15.07 21.18
CA SER A 197 -0.88 -16.07 21.58
C SER A 197 -1.05 -16.07 23.10
N GLU A 198 0.05 -15.95 23.85
CA GLU A 198 -0.02 -16.00 25.33
C GLU A 198 -0.11 -14.57 25.90
N PHE A 199 -0.72 -14.43 27.08
CA PHE A 199 -0.87 -13.10 27.73
C PHE A 199 0.50 -12.62 28.23
N SER A 200 1.50 -13.50 28.26
CA SER A 200 2.83 -13.15 28.80
C SER A 200 3.75 -12.62 27.69
N ARG A 201 3.19 -12.29 26.53
CA ARG A 201 3.97 -11.72 25.38
C ARG A 201 5.02 -12.72 24.91
N ASN A 202 4.70 -14.02 24.94
CA ASN A 202 5.62 -15.06 24.42
C ASN A 202 4.83 -16.05 23.57
N GLY A 203 5.52 -16.83 22.72
CA GLY A 203 4.84 -17.82 21.87
C GLY A 203 4.65 -17.31 20.46
N VAL A 204 3.59 -17.76 19.78
CA VAL A 204 3.36 -17.36 18.37
C VAL A 204 3.10 -15.84 18.34
N TYR A 205 3.74 -15.12 17.43
CA TYR A 205 3.49 -13.66 17.28
C TYR A 205 3.03 -13.39 15.85
N GLY A 206 1.92 -12.65 15.69
CA GLY A 206 1.50 -12.28 14.32
C GLY A 206 0.08 -12.73 14.00
N ILE A 207 -0.27 -12.70 12.71
CA ILE A 207 -1.66 -13.04 12.28
C ILE A 207 -1.89 -14.54 12.43
N ASN A 208 -0.81 -15.32 12.56
CA ASN A 208 -0.92 -16.80 12.67
C ASN A 208 -1.74 -17.14 13.93
N THR A 209 -1.59 -16.36 15.00
CA THR A 209 -2.33 -16.63 16.26
C THR A 209 -3.83 -16.58 15.99
N LEU A 210 -4.29 -15.56 15.25
CA LEU A 210 -5.74 -15.41 14.94
C LEU A 210 -6.22 -16.54 14.02
N ASN A 211 -5.39 -17.00 13.09
CA ASN A 211 -5.84 -18.02 12.09
C ASN A 211 -6.35 -19.27 12.79
N ASN A 212 -7.50 -19.81 12.35
CA ASN A 212 -8.07 -21.08 12.89
C ASN A 212 -9.23 -21.48 11.98
N MET A 213 -8.96 -21.70 10.69
CA MET A 213 -10.07 -21.98 9.72
C MET A 213 -10.23 -23.47 9.41
N GLY A 214 -9.47 -24.36 10.09
CA GLY A 214 -9.66 -25.80 9.89
C GLY A 214 -8.89 -26.36 8.71
N THR A 215 -9.18 -27.61 8.31
CA THR A 215 -8.41 -28.26 7.21
C THR A 215 -9.37 -28.81 6.14
N LEU A 216 -8.92 -28.87 4.88
CA LEU A 216 -9.77 -29.37 3.76
C LEU A 216 -9.10 -30.60 3.14
N TYR A 217 -9.85 -31.68 2.92
CA TYR A 217 -9.26 -32.95 2.39
C TYR A 217 -9.85 -33.30 1.01
N ALA A 218 -9.19 -34.19 0.26
CA ALA A 218 -9.68 -34.58 -1.05
C ALA A 218 -9.16 -35.97 -1.40
N ARG A 219 -10.01 -36.77 -2.04
CA ARG A 219 -9.64 -38.13 -2.38
C ARG A 219 -10.39 -38.62 -3.62
N HIS A 220 -9.84 -39.67 -4.22
CA HIS A 220 -10.53 -40.45 -5.25
C HIS A 220 -11.46 -41.44 -4.57
N VAL A 221 -12.73 -41.43 -4.97
CA VAL A 221 -13.71 -42.39 -4.37
C VAL A 221 -13.48 -43.77 -4.97
N ASN A 222 -12.83 -43.85 -6.14
CA ASN A 222 -12.56 -45.17 -6.79
C ASN A 222 -11.20 -45.15 -7.48
N THR A 223 -10.57 -46.32 -7.63
CA THR A 223 -9.25 -46.46 -8.31
C THR A 223 -9.38 -46.09 -9.79
N GLY A 224 -10.50 -46.48 -10.42
CA GLY A 224 -10.79 -46.19 -11.84
C GLY A 224 -10.07 -47.08 -12.82
N SER A 225 -8.74 -47.14 -12.80
CA SER A 225 -8.00 -47.97 -13.79
C SER A 225 -6.83 -48.72 -13.13
N THR A 226 -6.32 -49.76 -13.80
CA THR A 226 -5.18 -50.57 -13.28
C THR A 226 -3.87 -49.81 -13.44
N GLY A 227 -3.89 -48.64 -14.09
CA GLY A 227 -2.71 -47.84 -14.28
C GLY A 227 -2.71 -46.62 -13.38
N PRO A 228 -1.54 -46.00 -13.21
CA PRO A 228 -1.44 -44.86 -12.30
C PRO A 228 -2.06 -43.61 -12.89
N ILE A 229 -2.72 -42.84 -12.03
CA ILE A 229 -3.38 -41.59 -12.39
C ILE A 229 -3.15 -40.60 -11.26
N LYS A 230 -2.78 -39.37 -11.62
CA LYS A 230 -2.58 -38.31 -10.64
C LYS A 230 -3.58 -37.20 -10.91
N SER A 231 -4.29 -36.79 -9.87
CA SER A 231 -5.26 -35.71 -9.94
C SER A 231 -4.74 -34.49 -9.22
N THR A 232 -5.20 -33.31 -9.65
CA THR A 232 -4.79 -32.02 -9.03
C THR A 232 -6.02 -31.16 -8.80
N ILE A 233 -6.24 -30.69 -7.57
CA ILE A 233 -7.44 -29.87 -7.23
C ILE A 233 -7.01 -28.41 -7.06
N ARG A 234 -7.75 -27.47 -7.65
CA ARG A 234 -7.41 -26.02 -7.56
C ARG A 234 -8.51 -25.30 -6.77
N ILE A 235 -8.13 -24.45 -5.83
CA ILE A 235 -9.14 -23.77 -4.96
C ILE A 235 -9.26 -22.30 -5.39
N TYR A 236 -10.48 -21.83 -5.65
CA TYR A 236 -10.71 -20.44 -6.12
C TYR A 236 -11.60 -19.68 -5.14
N PHE A 237 -11.17 -18.48 -4.71
CA PHE A 237 -11.92 -17.72 -3.68
C PHE A 237 -12.47 -16.42 -4.28
N LYS A 238 -13.79 -16.26 -4.34
CA LYS A 238 -14.35 -14.95 -4.80
C LYS A 238 -15.06 -14.28 -3.62
N PRO A 239 -14.52 -13.18 -3.05
CA PRO A 239 -15.21 -12.45 -1.98
C PRO A 239 -16.48 -11.73 -2.48
N LYS A 240 -17.56 -11.76 -1.69
CA LYS A 240 -18.81 -11.04 -2.04
C LYS A 240 -19.40 -10.42 -0.77
N HIS A 241 -20.29 -9.43 -0.90
CA HIS A 241 -20.83 -8.73 0.29
C HIS A 241 -19.64 -8.22 1.12
N VAL A 242 -18.74 -7.46 0.49
CA VAL A 242 -17.50 -7.01 1.19
C VAL A 242 -17.70 -5.70 1.94
N LYS A 243 -17.20 -5.60 3.17
CA LYS A 243 -17.25 -4.35 3.98
C LYS A 243 -15.84 -4.17 4.56
N ALA A 244 -15.22 -3.00 4.41
CA ALA A 244 -13.79 -2.87 4.83
C ALA A 244 -13.54 -1.61 5.65
N TRP A 245 -12.48 -1.61 6.47
CA TRP A 245 -12.22 -0.45 7.37
C TRP A 245 -10.72 -0.16 7.44
N ILE A 246 -10.33 1.05 7.81
CA ILE A 246 -8.90 1.45 8.00
C ILE A 246 -8.03 1.01 6.81
N PRO A 247 -7.85 1.81 5.72
CA PRO A 247 -6.94 1.41 4.64
C PRO A 247 -5.46 1.59 5.02
N ARG A 248 -4.56 0.86 4.35
CA ARG A 248 -3.11 0.93 4.68
C ARG A 248 -2.28 0.85 3.39
N PRO A 249 -1.00 1.29 3.37
CA PRO A 249 -0.19 1.31 2.15
C PRO A 249 0.09 -0.07 1.54
N PRO A 250 0.15 -0.19 0.19
CA PRO A 250 0.41 -1.47 -0.49
C PRO A 250 1.81 -2.05 -0.24
N ARG A 251 1.93 -3.38 -0.26
CA ARG A 251 3.23 -4.06 0.03
C ARG A 251 4.29 -3.70 -1.02
N LEU A 252 5.25 -2.85 -0.67
CA LEU A 252 6.38 -2.50 -1.57
C LEU A 252 7.30 -3.71 -1.78
N CYS A 253 7.62 -4.45 -0.73
CA CYS A 253 8.59 -5.56 -0.85
C CYS A 253 7.90 -6.83 -1.35
N GLN A 254 8.67 -7.88 -1.64
CA GLN A 254 8.07 -9.16 -2.07
C GLN A 254 7.80 -10.04 -0.84
N TYR A 255 6.74 -10.84 -0.86
CA TYR A 255 6.39 -11.68 0.31
C TYR A 255 7.37 -12.85 0.40
N GLU A 256 7.54 -13.41 1.61
CA GLU A 256 8.45 -14.54 1.80
C GLU A 256 7.79 -15.71 2.49
N LYS A 257 6.94 -15.47 3.49
CA LYS A 257 6.31 -16.52 4.26
C LYS A 257 4.80 -16.32 4.27
N ALA A 258 4.07 -17.35 4.68
CA ALA A 258 2.59 -17.24 4.73
C ALA A 258 2.16 -16.96 6.17
N LYS A 259 2.96 -17.38 7.14
CA LYS A 259 2.57 -17.23 8.57
C LYS A 259 3.01 -15.86 9.11
N ASN A 260 3.83 -15.12 8.37
CA ASN A 260 4.39 -13.86 8.92
C ASN A 260 4.61 -12.80 7.83
N VAL A 261 4.91 -11.57 8.23
CA VAL A 261 5.12 -10.44 7.27
C VAL A 261 6.61 -10.23 7.02
N ASN A 262 7.47 -11.20 7.39
CA ASN A 262 8.94 -11.01 7.27
C ASN A 262 9.29 -10.71 5.81
N PHE A 263 10.25 -9.80 5.58
CA PHE A 263 10.58 -9.38 4.20
C PHE A 263 12.07 -9.08 4.06
N GLN A 264 12.55 -8.85 2.83
CA GLN A 264 13.95 -8.43 2.61
C GLN A 264 13.90 -6.95 2.23
N PRO A 265 14.76 -6.07 2.79
CA PRO A 265 14.65 -4.63 2.51
C PRO A 265 14.83 -4.27 1.03
N SER A 266 13.99 -3.36 0.51
CA SER A 266 14.07 -2.95 -0.92
C SER A 266 13.92 -1.43 -1.03
N GLY A 267 14.45 -0.84 -2.10
CA GLY A 267 14.39 0.63 -2.30
C GLY A 267 12.98 1.13 -2.54
N VAL A 268 12.72 2.41 -2.27
CA VAL A 268 11.36 3.00 -2.43
C VAL A 268 10.88 2.88 -3.88
N THR A 269 11.76 3.05 -4.87
CA THR A 269 11.30 3.06 -6.29
C THR A 269 12.48 2.68 -7.20
N THR A 270 12.40 3.04 -8.48
CA THR A 270 13.44 2.67 -9.47
C THR A 270 14.18 3.92 -9.93
N THR A 271 15.49 3.80 -10.19
CA THR A 271 16.39 4.98 -10.29
C THR A 271 16.47 5.44 -11.74
N ARG A 272 16.55 6.77 -11.94
CA ARG A 272 16.66 7.38 -13.25
C ARG A 272 18.02 8.08 -13.33
N GLN A 273 18.24 8.82 -14.41
CA GLN A 273 19.56 9.40 -14.64
C GLN A 273 19.82 10.57 -13.69
N SER A 274 18.98 11.59 -13.75
CA SER A 274 19.13 12.76 -12.90
C SER A 274 17.75 13.27 -12.53
N ILE A 275 17.72 14.36 -11.76
CA ILE A 275 16.46 14.91 -11.26
C ILE A 275 15.70 15.71 -12.31
N THR A 276 16.27 15.79 -13.52
CA THR A 276 15.61 16.54 -14.62
C THR A 276 15.49 15.60 -15.83
N THR A 277 15.14 14.33 -15.58
CA THR A 277 15.06 13.33 -16.69
C THR A 277 13.59 13.02 -16.97
N MET A 278 13.16 13.16 -18.22
CA MET A 278 11.73 12.91 -18.58
C MET A 278 11.54 11.43 -18.92
N THR A 279 12.61 10.64 -18.88
CA THR A 279 12.51 9.21 -19.28
C THR A 279 12.93 8.29 -18.13
N ASN A 280 12.52 7.01 -18.17
CA ASN A 280 12.88 6.01 -17.14
C ASN A 280 14.30 5.49 -17.43
N GLY B 8 -10.26 39.90 20.26
CA GLY B 8 -10.21 39.04 19.07
C GLY B 8 -9.54 37.70 19.38
N TYR B 9 -9.35 36.87 18.36
CA TYR B 9 -8.70 35.54 18.52
C TYR B 9 -7.59 35.38 17.49
N SER B 10 -6.61 34.51 17.80
CA SER B 10 -5.86 33.78 16.75
C SER B 10 -6.25 32.29 16.80
N ASP B 11 -5.69 31.49 15.90
CA ASP B 11 -5.97 30.04 15.80
C ASP B 11 -4.68 29.25 16.01
N ARG B 12 -3.60 29.94 16.38
CA ARG B 12 -2.27 29.30 16.59
C ARG B 12 -2.08 28.97 18.07
N VAL B 13 -3.09 29.27 18.90
CA VAL B 13 -3.02 29.01 20.36
C VAL B 13 -4.10 28.00 20.73
N ARG B 14 -3.73 26.95 21.49
CA ARG B 14 -4.72 25.91 21.87
C ARG B 14 -4.34 25.31 23.24
N SER B 15 -5.35 25.15 24.11
CA SER B 15 -5.21 24.55 25.42
C SER B 15 -6.07 23.30 25.52
N ILE B 16 -5.55 22.27 26.17
CA ILE B 16 -6.23 21.00 26.36
C ILE B 16 -6.21 20.65 27.83
N THR B 17 -7.37 20.30 28.39
CA THR B 17 -7.49 20.04 29.81
C THR B 17 -8.07 18.65 30.03
N LEU B 18 -7.33 17.80 30.74
CA LEU B 18 -7.79 16.44 31.02
C LEU B 18 -7.36 16.07 32.42
N GLY B 19 -8.32 15.61 33.22
CA GLY B 19 -8.01 15.26 34.59
C GLY B 19 -7.48 16.47 35.32
N ASN B 20 -6.37 16.31 36.01
CA ASN B 20 -5.69 17.41 36.68
C ASN B 20 -4.50 17.91 35.89
N SER B 21 -4.55 17.83 34.57
CA SER B 21 -3.43 18.24 33.73
C SER B 21 -3.91 19.13 32.60
N THR B 22 -3.02 20.02 32.17
CA THR B 22 -3.31 20.98 31.12
C THR B 22 -2.10 21.09 30.20
N ILE B 23 -2.37 21.36 28.93
CA ILE B 23 -1.36 21.48 27.89
C ILE B 23 -1.65 22.75 27.11
N THR B 24 -0.65 23.61 26.95
CA THR B 24 -0.81 24.86 26.22
C THR B 24 0.14 24.90 25.04
N THR B 25 -0.28 25.63 24.00
CA THR B 25 0.52 25.74 22.78
C THR B 25 0.33 27.11 22.17
N GLN B 26 1.43 27.70 21.70
CA GLN B 26 1.44 29.00 21.05
C GLN B 26 1.55 28.91 19.54
N GLU B 27 2.25 27.91 19.02
CA GLU B 27 2.35 27.67 17.59
C GLU B 27 1.87 26.26 17.31
N CYS B 28 0.62 26.11 16.94
CA CYS B 28 0.09 24.80 16.64
C CYS B 28 -0.67 24.84 15.33
N ALA B 29 -0.64 23.72 14.63
CA ALA B 29 -1.53 23.51 13.50
C ALA B 29 -2.90 23.13 14.05
N ASN B 30 -3.78 22.62 13.22
CA ASN B 30 -5.09 22.22 13.70
C ASN B 30 -4.93 20.97 14.57
N VAL B 31 -6.06 20.39 14.99
CA VAL B 31 -6.06 19.13 15.71
C VAL B 31 -6.69 18.07 14.83
N VAL B 32 -5.96 16.98 14.60
CA VAL B 32 -6.47 15.86 13.82
C VAL B 32 -7.31 14.99 14.74
N VAL B 33 -8.50 14.62 14.28
CA VAL B 33 -9.41 13.80 15.08
C VAL B 33 -9.56 12.47 14.34
N GLY B 34 -8.71 11.51 14.70
CA GLY B 34 -8.82 10.13 14.27
C GLY B 34 -9.30 9.94 12.86
N TYR B 35 -10.39 9.20 12.69
CA TYR B 35 -11.08 9.09 11.41
C TYR B 35 -12.36 9.91 11.42
N GLY B 36 -12.32 11.07 12.04
CA GLY B 36 -13.51 11.87 12.23
C GLY B 36 -14.37 11.46 13.39
N VAL B 37 -13.91 10.51 14.21
CA VAL B 37 -14.69 9.97 15.31
C VAL B 37 -14.04 10.41 16.61
N TRP B 38 -14.85 10.90 17.54
CA TRP B 38 -14.39 11.27 18.86
C TRP B 38 -14.55 10.08 19.82
N PRO B 39 -13.57 9.82 20.68
CA PRO B 39 -13.67 8.66 21.57
C PRO B 39 -14.85 8.78 22.53
N ASP B 40 -15.49 7.64 22.80
CA ASP B 40 -16.66 7.58 23.67
C ASP B 40 -16.63 6.23 24.40
N TYR B 41 -17.67 5.95 25.17
CA TYR B 41 -17.78 4.71 25.91
C TYR B 41 -18.46 3.64 25.06
N LEU B 42 -18.59 2.45 25.62
CA LEU B 42 -19.21 1.33 24.93
C LEU B 42 -20.71 1.32 25.16
N LYS B 43 -21.47 1.07 24.12
CA LYS B 43 -22.92 1.09 24.21
C LYS B 43 -23.45 -0.26 24.64
N ASP B 44 -24.70 -0.26 25.11
CA ASP B 44 -25.34 -1.49 25.55
C ASP B 44 -25.68 -2.41 24.40
N SER B 45 -25.89 -1.86 23.20
CA SER B 45 -26.24 -2.64 22.03
C SER B 45 -25.02 -3.14 21.28
N GLU B 46 -23.82 -2.91 21.81
CA GLU B 46 -22.60 -3.38 21.16
C GLU B 46 -21.63 -4.06 22.11
N ALA B 47 -22.02 -4.28 23.36
CA ALA B 47 -21.17 -4.93 24.33
C ALA B 47 -21.38 -6.44 24.30
N THR B 48 -20.41 -7.16 24.84
CA THR B 48 -20.49 -8.61 24.94
C THR B 48 -20.26 -9.14 26.35
N ALA B 49 -19.36 -8.52 27.10
CA ALA B 49 -19.11 -8.95 28.47
C ALA B 49 -20.22 -8.46 29.38
N GLU B 50 -20.53 -9.25 30.40
CA GLU B 50 -21.76 -9.06 31.15
C GLU B 50 -21.57 -8.38 32.51
N ASP B 51 -20.39 -8.48 33.13
CA ASP B 51 -20.24 -7.82 34.41
C ASP B 51 -20.06 -6.32 34.22
N GLN B 52 -20.27 -5.59 35.29
CA GLN B 52 -20.25 -4.13 35.23
C GLN B 52 -18.82 -3.62 35.09
N PRO B 53 -18.57 -2.66 34.22
CA PRO B 53 -17.22 -2.12 34.08
C PRO B 53 -16.92 -1.04 35.10
N THR B 54 -15.62 -0.80 35.30
CA THR B 54 -15.15 0.29 36.14
C THR B 54 -14.66 1.43 35.25
N GLN B 55 -14.95 2.66 35.68
CA GLN B 55 -14.58 3.85 34.93
C GLN B 55 -14.00 4.86 35.91
N PRO B 56 -12.68 4.88 36.05
CA PRO B 56 -12.05 5.81 37.00
C PRO B 56 -12.21 7.26 36.57
N ASP B 57 -11.91 7.53 35.30
CA ASP B 57 -12.30 8.73 34.58
C ASP B 57 -11.51 9.98 34.94
N VAL B 58 -10.82 9.95 36.08
CA VAL B 58 -9.98 11.11 36.49
C VAL B 58 -8.50 10.70 36.43
N ALA B 59 -8.08 9.78 37.29
CA ALA B 59 -6.65 9.38 37.34
C ALA B 59 -6.21 8.73 36.02
N THR B 60 -7.03 7.83 35.47
CA THR B 60 -6.69 7.18 34.18
C THR B 60 -6.66 8.21 33.05
N CYS B 61 -7.64 9.10 33.00
CA CYS B 61 -7.73 10.09 31.89
C CYS B 61 -6.89 11.33 32.24
N ARG B 62 -5.56 11.22 32.15
CA ARG B 62 -4.68 12.39 32.39
C ARG B 62 -3.44 12.32 31.51
N PHE B 63 -2.71 13.43 31.39
CA PHE B 63 -1.53 13.48 30.53
C PHE B 63 -0.33 12.85 31.23
N TYR B 64 0.23 11.80 30.63
CA TYR B 64 1.45 11.16 31.09
C TYR B 64 2.58 11.53 30.13
N THR B 65 3.73 11.91 30.68
CA THR B 65 4.84 12.41 29.91
C THR B 65 5.98 11.40 29.93
N LEU B 66 6.21 10.73 28.80
CA LEU B 66 7.31 9.79 28.69
C LEU B 66 8.63 10.54 28.63
N ASP B 67 9.72 9.79 28.48
CA ASP B 67 11.02 10.42 28.42
C ASP B 67 11.18 11.21 27.12
N SER B 68 12.30 11.92 27.02
CA SER B 68 12.64 12.70 25.85
C SER B 68 13.73 12.00 25.05
N VAL B 69 13.80 12.33 23.77
CA VAL B 69 14.84 11.78 22.90
C VAL B 69 15.52 12.91 22.17
N GLN B 70 16.84 12.82 22.04
CA GLN B 70 17.59 13.85 21.34
C GLN B 70 17.49 13.65 19.84
N TRP B 71 17.17 14.72 19.13
CA TRP B 71 17.14 14.70 17.67
C TRP B 71 18.50 15.17 17.16
N GLN B 72 19.21 14.26 16.49
CA GLN B 72 20.56 14.55 15.96
C GLN B 72 20.51 14.67 14.43
N LYS B 73 21.58 15.21 13.85
CA LYS B 73 21.66 15.41 12.40
C LYS B 73 21.51 14.11 11.63
N THR B 74 21.62 12.95 12.28
CA THR B 74 21.56 11.67 11.60
C THR B 74 20.60 10.70 12.28
N SER B 75 19.52 11.18 12.86
CA SER B 75 18.60 10.28 13.56
C SER B 75 17.60 9.69 12.57
N PRO B 76 17.45 8.37 12.53
CA PRO B 76 16.44 7.77 11.64
C PRO B 76 15.00 7.99 12.09
N GLY B 77 14.72 7.78 13.36
CA GLY B 77 13.37 7.94 13.86
C GLY B 77 13.11 7.04 15.04
N TRP B 78 11.94 7.20 15.67
CA TRP B 78 11.58 6.40 16.88
C TRP B 78 10.14 5.90 16.75
N TRP B 79 9.80 4.84 17.50
CA TRP B 79 8.41 4.30 17.52
C TRP B 79 8.04 3.94 18.96
N TRP B 80 6.74 4.00 19.30
CA TRP B 80 6.26 3.69 20.68
C TRP B 80 4.98 2.87 20.59
N LYS B 81 4.86 1.81 21.39
CA LYS B 81 3.58 1.05 21.44
C LYS B 81 2.80 1.63 22.62
N LEU B 82 1.65 2.28 22.37
CA LEU B 82 0.93 3.00 23.47
C LEU B 82 0.41 2.09 24.59
N PRO B 83 -0.23 0.91 24.36
CA PRO B 83 -0.65 0.05 25.46
C PRO B 83 0.57 -0.34 26.31
N ASP B 84 1.72 -0.53 25.67
CA ASP B 84 2.97 -0.89 26.38
C ASP B 84 3.63 0.33 27.05
N ALA B 85 3.59 1.49 26.39
CA ALA B 85 4.31 2.67 26.93
C ALA B 85 3.76 3.08 28.30
N LEU B 86 2.44 3.02 28.49
CA LEU B 86 1.83 3.49 29.76
C LEU B 86 1.57 2.30 30.70
N SER B 87 2.10 1.12 30.37
CA SER B 87 1.81 -0.10 31.17
C SER B 87 2.30 0.03 32.61
N ASN B 88 3.44 0.68 32.83
CA ASN B 88 4.02 0.76 34.20
C ASN B 88 3.84 2.16 34.79
N LEU B 89 3.04 3.03 34.15
CA LEU B 89 2.96 4.45 34.61
C LEU B 89 1.61 4.83 35.19
N GLY B 90 1.57 5.19 36.48
CA GLY B 90 0.33 5.71 37.09
C GLY B 90 -0.72 4.65 37.38
N LEU B 91 -1.93 5.09 37.74
CA LEU B 91 -3.05 4.13 37.98
C LEU B 91 -3.37 3.39 36.68
N PHE B 92 -3.28 4.07 35.54
CA PHE B 92 -3.51 3.39 34.24
C PHE B 92 -2.83 2.01 34.24
N GLY B 93 -1.54 1.96 34.60
CA GLY B 93 -0.86 0.69 34.66
C GLY B 93 -1.45 -0.28 35.66
N GLN B 94 -1.85 0.22 36.83
CA GLN B 94 -2.43 -0.65 37.84
C GLN B 94 -3.79 -1.17 37.41
N ASN B 95 -4.59 -0.31 36.79
CA ASN B 95 -5.92 -0.72 36.29
C ASN B 95 -5.76 -1.85 35.26
N MET B 96 -5.05 -1.58 34.16
CA MET B 96 -4.89 -2.59 33.08
C MET B 96 -4.18 -3.85 33.60
N GLN B 97 -3.44 -3.74 34.71
CA GLN B 97 -2.73 -4.91 35.29
C GLN B 97 -3.73 -5.88 35.90
N TYR B 98 -4.52 -5.42 36.87
CA TYR B 98 -5.49 -6.31 37.55
C TYR B 98 -6.57 -6.79 36.58
N HIS B 99 -7.02 -5.94 35.66
CA HIS B 99 -8.16 -6.31 34.77
C HIS B 99 -7.79 -7.21 33.60
N TYR B 100 -8.76 -7.98 33.10
CA TYR B 100 -8.59 -8.87 31.96
C TYR B 100 -8.87 -8.15 30.64
N LEU B 101 -9.93 -7.34 30.59
CA LEU B 101 -10.30 -6.64 29.33
C LEU B 101 -10.16 -5.13 29.52
N GLY B 102 -9.84 -4.40 28.45
CA GLY B 102 -9.73 -2.94 28.53
C GLY B 102 -10.15 -2.27 27.23
N ARG B 103 -10.56 -1.00 27.29
CA ARG B 103 -10.99 -0.25 26.07
C ARG B 103 -10.75 1.24 26.30
N THR B 104 -9.92 1.86 25.46
CA THR B 104 -9.59 3.30 25.64
C THR B 104 -9.18 3.95 24.32
N GLY B 105 -9.30 5.28 24.22
CA GLY B 105 -8.82 6.00 23.02
C GLY B 105 -7.61 6.82 23.44
N TYR B 106 -6.63 7.01 22.55
CA TYR B 106 -5.40 7.71 22.98
C TYR B 106 -5.24 9.06 22.28
N THR B 107 -5.00 10.13 23.04
CA THR B 107 -4.70 11.44 22.38
C THR B 107 -3.18 11.63 22.48
N ILE B 108 -2.51 11.90 21.34
CA ILE B 108 -1.02 11.97 21.36
C ILE B 108 -0.57 13.40 21.10
N HIS B 109 0.24 13.95 22.00
CA HIS B 109 0.82 15.31 21.76
C HIS B 109 2.34 15.16 21.72
N VAL B 110 2.96 15.56 20.60
CA VAL B 110 4.44 15.44 20.45
C VAL B 110 5.00 16.86 20.31
N GLN B 111 5.94 17.25 21.16
CA GLN B 111 6.40 18.67 21.11
C GLN B 111 7.91 18.79 20.83
N CYS B 112 8.30 19.68 19.93
CA CYS B 112 9.74 19.94 19.65
C CYS B 112 10.00 21.45 19.71
N ASN B 113 11.12 21.88 20.30
CA ASN B 113 11.38 23.33 20.47
C ASN B 113 12.67 23.74 19.74
N ALA B 114 12.62 24.85 18.98
CA ALA B 114 13.80 25.32 18.23
C ALA B 114 13.74 26.84 17.98
N SER B 115 14.69 27.38 17.21
CA SER B 115 14.74 28.80 16.90
C SER B 115 14.29 29.06 15.47
N LYS B 116 14.45 30.29 15.00
CA LYS B 116 14.18 30.63 13.62
C LYS B 116 15.37 30.36 12.71
N PHE B 117 16.47 29.86 13.25
CA PHE B 117 17.64 29.56 12.45
C PHE B 117 17.90 28.06 12.33
N HIS B 118 17.00 27.26 12.92
CA HIS B 118 17.07 25.78 12.86
C HIS B 118 16.09 25.30 11.79
N GLN B 119 16.42 24.22 11.07
CA GLN B 119 15.51 23.71 10.02
C GLN B 119 15.34 22.20 10.19
N GLY B 120 14.20 21.68 9.73
CA GLY B 120 13.91 20.23 9.83
C GLY B 120 12.44 19.96 9.57
N CYS B 121 12.02 18.70 9.69
CA CYS B 121 10.63 18.30 9.47
C CYS B 121 10.43 16.89 10.00
N LEU B 122 9.43 16.74 10.86
CA LEU B 122 9.07 15.44 11.43
C LEU B 122 7.69 15.04 10.96
N LEU B 123 7.52 13.75 10.67
CA LEU B 123 6.21 13.17 10.47
C LEU B 123 5.81 12.43 11.74
N VAL B 124 4.61 12.73 12.24
CA VAL B 124 4.08 12.14 13.46
C VAL B 124 2.83 11.38 13.05
N VAL B 125 2.87 10.05 13.13
CA VAL B 125 1.80 9.23 12.57
C VAL B 125 1.39 8.15 13.56
N CYS B 126 0.09 7.85 13.61
CA CYS B 126 -0.46 6.74 14.44
C CYS B 126 -0.89 5.59 13.52
N VAL B 127 -0.17 4.45 13.59
CA VAL B 127 -0.40 3.28 12.76
C VAL B 127 -1.21 2.27 13.58
N PRO B 128 -2.41 1.89 13.16
CA PRO B 128 -3.10 0.78 13.81
C PRO B 128 -2.60 -0.57 13.32
N GLU B 129 -2.34 -1.48 14.25
CA GLU B 129 -1.89 -2.83 13.96
C GLU B 129 -0.59 -2.83 13.17
N ALA B 130 0.46 -2.30 13.79
CA ALA B 130 1.77 -2.19 13.14
C ALA B 130 2.58 -3.46 13.36
N GLU B 131 2.17 -4.52 12.66
CA GLU B 131 2.90 -5.78 12.74
C GLU B 131 4.24 -5.65 12.01
N MET B 132 5.31 -6.08 12.67
CA MET B 132 6.66 -5.85 12.17
C MET B 132 7.34 -7.17 11.80
N GLY B 133 8.47 -7.06 11.10
CA GLY B 133 9.15 -8.28 10.61
C GLY B 133 10.45 -8.58 11.33
N CYS B 134 11.19 -9.60 10.88
CA CYS B 134 12.44 -10.02 11.56
C CYS B 134 13.58 -10.03 10.55
N ALA B 135 14.81 -9.82 11.01
CA ALA B 135 15.98 -9.79 10.12
C ALA B 135 16.13 -11.15 9.43
N THR B 136 15.95 -12.24 10.17
CA THR B 136 15.98 -13.59 9.55
C THR B 136 14.58 -13.89 8.99
N LEU B 137 14.49 -14.32 7.74
CA LEU B 137 13.16 -14.55 7.11
C LEU B 137 12.45 -15.65 7.90
N ASP B 138 13.18 -16.70 8.28
CA ASP B 138 12.57 -17.75 9.15
C ASP B 138 12.68 -17.22 10.57
N ASN B 139 11.77 -17.61 11.47
CA ASN B 139 11.73 -17.13 12.89
C ASN B 139 10.93 -15.81 12.97
N THR B 140 10.60 -15.40 14.21
CA THR B 140 9.78 -14.19 14.41
C THR B 140 10.47 -13.24 15.41
N PRO B 141 10.17 -11.90 15.47
CA PRO B 141 10.91 -11.00 16.37
C PRO B 141 10.63 -11.24 17.86
N SER B 142 11.64 -10.99 18.70
CA SER B 142 11.49 -11.19 20.18
C SER B 142 10.67 -10.04 20.78
N SER B 143 10.01 -10.29 21.91
CA SER B 143 9.17 -9.26 22.57
C SER B 143 10.02 -8.05 22.96
N ALA B 144 11.23 -8.28 23.48
CA ALA B 144 12.11 -7.16 23.93
C ALA B 144 12.43 -6.23 22.77
N GLU B 145 12.69 -6.78 21.58
CA GLU B 145 13.06 -5.97 20.39
C GLU B 145 11.84 -5.17 19.91
N LEU B 146 10.67 -5.79 19.90
CA LEU B 146 9.43 -5.12 19.39
C LEU B 146 8.91 -4.12 20.42
N LEU B 147 8.90 -4.50 21.71
CA LEU B 147 8.30 -3.62 22.75
C LEU B 147 9.36 -2.93 23.60
N GLY B 148 9.39 -1.60 23.60
CA GLY B 148 10.29 -0.88 24.52
C GLY B 148 9.44 -0.10 25.49
N GLY B 149 9.55 -0.41 26.79
CA GLY B 149 8.72 0.29 27.80
C GLY B 149 9.59 1.26 28.55
N ASP B 150 9.02 2.39 29.00
CA ASP B 150 9.83 3.41 29.67
C ASP B 150 10.96 3.93 28.78
N ALA B 151 10.94 3.62 27.49
CA ALA B 151 11.99 4.05 26.58
C ALA B 151 11.47 4.00 25.15
N ALA B 152 12.25 4.54 24.23
CA ALA B 152 11.87 4.60 22.83
C ALA B 152 12.74 3.65 22.03
N LYS B 153 12.15 3.03 21.03
CA LYS B 153 12.88 2.21 20.08
C LYS B 153 13.24 3.05 18.86
N GLU B 154 14.41 2.78 18.30
CA GLU B 154 14.94 3.58 17.20
C GLU B 154 15.02 2.75 15.94
N PHE B 155 14.69 3.38 14.81
CA PHE B 155 14.89 2.76 13.52
C PHE B 155 16.37 2.72 13.19
N ALA B 156 16.70 2.10 12.04
CA ALA B 156 18.10 2.01 11.60
C ALA B 156 18.24 2.55 10.18
N GLY B 157 19.28 3.33 9.90
CA GLY B 157 19.52 3.85 8.54
C GLY B 157 19.83 2.76 7.55
N GLU B 158 20.60 1.73 7.95
CA GLU B 158 21.04 0.68 7.01
C GLU B 158 20.38 -0.66 7.38
N PRO B 159 20.20 -1.61 6.42
CA PRO B 159 19.50 -2.87 6.71
C PRO B 159 20.15 -3.72 7.81
N ILE B 160 19.33 -4.30 8.70
CA ILE B 160 19.85 -5.17 9.79
C ILE B 160 20.32 -6.49 9.17
N ALA B 161 21.47 -7.01 9.61
CA ALA B 161 22.03 -8.24 9.02
C ALA B 161 21.18 -9.47 9.41
N SER B 162 21.08 -10.44 8.50
CA SER B 162 20.30 -11.68 8.79
C SER B 162 21.26 -12.80 9.23
N GLY B 163 20.95 -13.45 10.35
CA GLY B 163 21.78 -14.56 10.88
C GLY B 163 20.85 -15.46 11.67
N SER B 164 21.35 -16.21 12.66
CA SER B 164 20.40 -16.95 13.51
C SER B 164 19.96 -15.99 14.62
N ASN B 165 19.10 -15.01 14.30
CA ASN B 165 18.75 -13.97 15.30
C ASN B 165 17.26 -13.66 15.32
N LYS B 166 16.78 -13.03 16.41
CA LYS B 166 15.36 -12.64 16.53
C LYS B 166 15.25 -11.11 16.54
N LEU B 167 16.18 -10.43 15.86
CA LEU B 167 16.18 -8.94 15.83
C LEU B 167 15.11 -8.46 14.84
N VAL B 168 14.51 -7.29 15.10
CA VAL B 168 13.45 -6.72 14.21
C VAL B 168 14.15 -6.00 13.06
N GLN B 169 13.65 -6.15 11.83
CA GLN B 169 14.20 -5.36 10.69
C GLN B 169 13.82 -3.90 10.95
N ARG B 170 14.81 -3.01 11.12
CA ARG B 170 14.50 -1.60 11.51
C ARG B 170 14.68 -0.62 10.35
N VAL B 171 14.70 -1.09 9.10
CA VAL B 171 15.00 -0.12 7.99
C VAL B 171 13.96 1.01 8.04
N VAL B 172 14.42 2.26 8.02
CA VAL B 172 13.52 3.44 8.09
C VAL B 172 12.66 3.52 6.81
N TYR B 173 13.23 3.23 5.65
CA TYR B 173 12.46 3.38 4.38
C TYR B 173 11.35 2.33 4.28
N ASN B 174 11.51 1.19 4.98
CA ASN B 174 10.44 0.15 4.97
C ASN B 174 9.62 0.18 6.26
N ALA B 175 9.96 1.07 7.20
CA ALA B 175 9.20 1.20 8.48
C ALA B 175 9.00 -0.15 9.17
N GLY B 176 9.87 -1.13 8.91
CA GLY B 176 9.79 -2.44 9.60
C GLY B 176 8.57 -3.24 9.16
N MET B 177 7.73 -2.67 8.30
CA MET B 177 6.53 -3.39 7.78
C MET B 177 6.74 -3.75 6.31
N GLY B 178 7.85 -3.29 5.71
CA GLY B 178 8.15 -3.61 4.30
C GLY B 178 7.40 -2.69 3.35
N ILE B 179 6.65 -1.71 3.88
CA ILE B 179 5.80 -0.85 3.01
C ILE B 179 6.54 0.43 2.63
N GLY B 180 5.80 1.48 2.25
CA GLY B 180 6.43 2.77 1.88
C GLY B 180 6.19 3.81 2.96
N VAL B 181 7.27 4.47 3.41
CA VAL B 181 7.16 5.49 4.51
C VAL B 181 6.29 6.67 4.04
N GLY B 182 6.41 7.08 2.78
CA GLY B 182 5.60 8.18 2.24
C GLY B 182 4.12 7.85 2.24
N ASN B 183 3.74 6.60 1.97
CA ASN B 183 2.32 6.20 1.85
C ASN B 183 1.64 6.11 3.23
N LEU B 184 2.40 6.23 4.33
CA LEU B 184 1.84 6.08 5.71
C LEU B 184 0.76 7.13 5.97
N THR B 185 0.86 8.32 5.36
CA THR B 185 -0.13 9.42 5.54
C THR B 185 -1.58 8.92 5.58
N ILE B 186 -1.86 7.69 5.09
CA ILE B 186 -3.23 7.11 5.07
C ILE B 186 -3.78 7.01 6.51
N PHE B 187 -2.87 6.94 7.48
CA PHE B 187 -3.13 6.92 8.91
C PHE B 187 -3.16 8.36 9.43
N PRO B 188 -4.00 8.66 10.41
CA PRO B 188 -4.07 10.04 10.93
C PRO B 188 -2.71 10.50 11.40
N HIS B 189 -2.25 11.62 10.82
CA HIS B 189 -0.87 12.05 10.99
C HIS B 189 -0.83 13.57 11.08
N GLN B 190 0.39 14.08 11.23
CA GLN B 190 0.65 15.51 11.28
C GLN B 190 2.14 15.72 11.03
N TRP B 191 2.53 16.95 10.81
CA TRP B 191 3.93 17.29 10.60
C TRP B 191 4.37 18.34 11.60
N ILE B 192 5.65 18.30 11.96
CA ILE B 192 6.29 19.36 12.73
C ILE B 192 7.34 19.96 11.81
N ASN B 193 7.03 21.09 11.22
CA ASN B 193 7.96 21.86 10.40
C ASN B 193 8.52 22.96 11.29
N LEU B 194 9.82 22.91 11.56
CA LEU B 194 10.41 23.77 12.57
C LEU B 194 10.27 25.25 12.24
N ARG B 195 9.85 25.57 11.01
CA ARG B 195 9.63 26.99 10.62
C ARG B 195 8.15 27.34 10.83
N THR B 196 7.29 26.35 11.10
CA THR B 196 5.84 26.63 11.20
C THR B 196 5.25 26.23 12.56
N ASN B 197 5.35 24.96 12.97
CA ASN B 197 4.65 24.54 14.22
C ASN B 197 5.59 23.87 15.24
N ASN B 198 5.50 24.30 16.50
CA ASN B 198 6.29 23.66 17.60
C ASN B 198 5.77 22.25 17.91
N SER B 199 4.46 22.03 17.88
CA SER B 199 3.93 20.72 18.33
C SER B 199 2.83 20.16 17.42
N ALA B 200 2.59 18.83 17.50
CA ALA B 200 1.53 18.17 16.71
C ALA B 200 0.60 17.40 17.66
N THR B 201 -0.71 17.53 17.50
CA THR B 201 -1.69 16.82 18.38
C THR B 201 -2.62 15.93 17.54
N ILE B 202 -2.74 14.65 17.89
CA ILE B 202 -3.66 13.71 17.19
C ILE B 202 -4.58 13.06 18.22
N VAL B 203 -5.90 13.03 17.97
CA VAL B 203 -6.87 12.35 18.88
C VAL B 203 -7.32 11.06 18.21
N MET B 204 -7.08 9.91 18.84
CA MET B 204 -7.41 8.62 18.24
C MET B 204 -8.50 7.93 19.02
N PRO B 205 -9.55 7.45 18.38
CA PRO B 205 -10.56 6.64 19.07
C PRO B 205 -10.07 5.21 19.23
N TYR B 206 -10.93 4.37 19.79
CA TYR B 206 -10.62 2.96 19.95
C TYR B 206 -10.94 2.24 18.65
N THR B 207 -9.90 1.74 17.98
CA THR B 207 -10.06 0.96 16.77
C THR B 207 -9.66 -0.48 17.06
N ASN B 208 -10.57 -1.41 16.79
CA ASN B 208 -10.29 -2.84 16.90
C ASN B 208 -11.44 -3.59 16.25
N SER B 209 -11.25 -4.89 16.07
CA SER B 209 -12.29 -5.72 15.47
C SER B 209 -13.18 -6.37 16.51
N VAL B 210 -12.83 -6.26 17.79
CA VAL B 210 -13.63 -6.80 18.88
C VAL B 210 -13.92 -5.65 19.84
N PRO B 211 -14.95 -5.74 20.69
CA PRO B 211 -15.29 -4.58 21.52
C PRO B 211 -14.26 -4.24 22.57
N MET B 212 -13.70 -5.23 23.26
CA MET B 212 -12.67 -5.02 24.26
C MET B 212 -11.53 -5.99 23.99
N ASP B 213 -10.36 -5.72 24.56
CA ASP B 213 -9.24 -6.61 24.34
C ASP B 213 -8.26 -6.51 25.48
N ASN B 214 -7.52 -7.59 25.71
CA ASN B 214 -6.51 -7.62 26.75
C ASN B 214 -5.35 -6.71 26.39
N MET B 215 -5.06 -5.75 27.25
CA MET B 215 -4.10 -4.70 26.92
C MET B 215 -2.65 -5.12 27.11
N PHE B 216 -2.38 -6.38 27.45
CA PHE B 216 -1.01 -6.80 27.68
C PHE B 216 -0.43 -7.68 26.60
N ARG B 217 -1.29 -8.35 25.84
CA ARG B 217 -0.81 -9.31 24.80
C ARG B 217 -1.03 -8.73 23.41
N HIS B 218 -1.88 -7.71 23.29
CA HIS B 218 -2.12 -7.06 21.98
C HIS B 218 -1.86 -5.56 22.07
N ASN B 219 -1.09 -5.00 21.14
CA ASN B 219 -0.90 -3.53 21.11
C ASN B 219 -1.73 -3.00 19.94
N ASN B 220 -2.72 -2.15 20.22
CA ASN B 220 -3.65 -1.70 19.15
C ASN B 220 -2.94 -0.74 18.18
N ILE B 221 -2.44 0.40 18.67
CA ILE B 221 -1.83 1.42 17.77
C ILE B 221 -0.36 1.64 18.11
N THR B 222 0.41 2.18 17.15
CA THR B 222 1.85 2.48 17.36
C THR B 222 2.14 3.89 16.87
N LEU B 223 2.86 4.69 17.66
CA LEU B 223 3.18 6.09 17.27
C LEU B 223 4.57 6.12 16.62
N MET B 224 4.69 6.70 15.42
CA MET B 224 5.99 6.72 14.70
C MET B 224 6.40 8.16 14.40
N VAL B 225 7.53 8.60 14.96
CA VAL B 225 8.06 9.93 14.71
C VAL B 225 9.28 9.78 13.82
N ILE B 226 9.20 10.28 12.59
CA ILE B 226 10.21 10.04 11.58
C ILE B 226 10.66 11.38 10.99
N PRO B 227 11.94 11.74 11.11
CA PRO B 227 12.41 12.98 10.47
C PRO B 227 12.62 12.79 8.97
N PHE B 228 11.83 13.52 8.19
CA PHE B 228 11.94 13.41 6.74
C PHE B 228 12.99 14.35 6.16
N VAL B 229 13.22 15.48 6.81
CA VAL B 229 14.27 16.43 6.45
C VAL B 229 15.20 16.56 7.66
N PRO B 230 16.49 16.34 7.50
CA PRO B 230 17.37 16.29 8.67
C PRO B 230 17.51 17.64 9.35
N LEU B 231 17.74 17.59 10.66
CA LEU B 231 17.97 18.80 11.44
C LEU B 231 19.27 19.46 11.00
N ASP B 232 19.26 20.79 10.91
CA ASP B 232 20.43 21.51 10.44
C ASP B 232 20.47 22.90 11.07
N TYR B 233 21.67 23.38 11.31
CA TYR B 233 21.90 24.69 11.92
C TYR B 233 23.34 25.09 11.65
N CYS B 234 23.61 26.35 11.84
CA CYS B 234 24.97 26.83 11.67
C CYS B 234 25.70 26.86 13.01
N PRO B 235 27.03 26.74 13.01
CA PRO B 235 27.76 26.72 14.27
C PRO B 235 27.50 27.96 15.11
N GLY B 236 27.31 27.76 16.40
CA GLY B 236 26.96 28.82 17.33
C GLY B 236 25.60 28.67 17.96
N SER B 237 24.67 27.99 17.31
CA SER B 237 23.34 27.77 17.85
C SER B 237 23.24 26.43 18.56
N THR B 238 22.16 26.25 19.31
CA THR B 238 22.04 25.13 20.21
C THR B 238 22.11 23.80 19.48
N THR B 239 22.92 22.88 20.00
CA THR B 239 23.13 21.59 19.36
C THR B 239 22.29 20.47 19.95
N TYR B 240 21.69 20.66 21.12
CA TYR B 240 20.85 19.64 21.73
C TYR B 240 19.39 20.04 21.59
N VAL B 241 18.66 19.32 20.74
CA VAL B 241 17.24 19.59 20.50
C VAL B 241 16.44 18.34 20.86
N PRO B 242 15.71 18.32 21.96
CA PRO B 242 14.95 17.13 22.34
C PRO B 242 13.52 17.13 21.83
N ILE B 243 12.95 15.94 21.81
CA ILE B 243 11.56 15.68 21.42
C ILE B 243 10.88 15.00 22.58
N THR B 244 9.70 15.49 22.96
CA THR B 244 8.94 14.97 24.08
C THR B 244 7.57 14.51 23.61
N VAL B 245 7.06 13.44 24.24
CA VAL B 245 5.74 12.87 23.83
C VAL B 245 4.84 12.79 25.07
N THR B 246 3.65 13.40 25.02
CA THR B 246 2.70 13.29 26.15
C THR B 246 1.46 12.52 25.68
N ILE B 247 1.07 11.46 26.39
CA ILE B 247 -0.09 10.61 25.97
C ILE B 247 -1.18 10.68 27.05
N ALA B 248 -2.42 10.97 26.65
CA ALA B 248 -3.53 10.94 27.63
C ALA B 248 -4.57 9.90 27.23
N PRO B 249 -4.87 8.88 28.06
CA PRO B 249 -5.94 7.92 27.77
C PRO B 249 -7.30 8.65 27.85
N MET B 250 -8.28 8.20 27.06
CA MET B 250 -9.60 8.89 27.03
C MET B 250 -10.72 7.85 27.05
N CYS B 251 -11.77 8.11 27.85
CA CYS B 251 -12.93 7.17 27.95
C CYS B 251 -12.42 5.74 28.15
N ALA B 252 -11.70 5.51 29.25
CA ALA B 252 -11.11 4.17 29.51
C ALA B 252 -12.03 3.37 30.44
N GLU B 253 -12.36 2.14 30.06
CA GLU B 253 -13.22 1.26 30.90
C GLU B 253 -12.57 -0.12 30.97
N TYR B 254 -12.74 -0.83 32.09
CA TYR B 254 -12.06 -2.13 32.27
C TYR B 254 -13.08 -3.18 32.75
N ASN B 255 -12.83 -4.46 32.45
CA ASN B 255 -13.76 -5.56 32.85
C ASN B 255 -12.95 -6.79 33.27
N GLY B 256 -13.54 -7.68 34.08
CA GLY B 256 -12.87 -8.90 34.56
C GLY B 256 -11.77 -8.65 35.58
N LEU B 257 -12.15 -8.25 36.80
CA LEU B 257 -11.15 -8.03 37.88
C LEU B 257 -10.53 -9.40 38.25
N ARG B 258 -9.20 -9.48 38.27
CA ARG B 258 -8.51 -10.76 38.57
C ARG B 258 -7.18 -10.46 39.28
N LEU B 259 -6.46 -11.49 39.72
CA LEU B 259 -5.19 -11.27 40.47
C LEU B 259 -4.19 -10.51 39.58
N ALA B 260 -3.42 -9.58 40.17
CA ALA B 260 -2.48 -8.75 39.38
C ALA B 260 -1.60 -9.61 38.48
N SER B 261 -1.35 -9.16 37.24
CA SER B 261 -0.46 -9.87 36.30
C SER B 261 0.84 -9.07 36.15
N HIS B 262 1.98 -9.72 36.40
CA HIS B 262 3.29 -9.02 36.31
C HIS B 262 3.96 -9.34 34.98
N GLY C 1 -42.03 -32.02 -17.02
CA GLY C 1 -40.98 -31.76 -17.98
C GLY C 1 -41.20 -30.49 -18.78
N LEU C 2 -40.57 -29.41 -18.36
CA LEU C 2 -40.65 -28.15 -19.10
C LEU C 2 -39.59 -28.15 -20.20
N PRO C 3 -39.97 -28.08 -21.47
CA PRO C 3 -38.97 -28.14 -22.54
C PRO C 3 -38.08 -26.90 -22.55
N THR C 4 -36.77 -27.12 -22.40
CA THR C 4 -35.77 -26.07 -22.39
C THR C 4 -34.71 -26.36 -23.43
N MET C 5 -33.80 -25.40 -23.63
CA MET C 5 -32.74 -25.51 -24.62
C MET C 5 -31.50 -24.82 -24.07
N ASN C 6 -30.34 -25.45 -24.20
CA ASN C 6 -29.11 -24.96 -23.60
C ASN C 6 -28.32 -24.16 -24.63
N THR C 7 -28.00 -22.94 -24.29
CA THR C 7 -27.26 -22.04 -25.15
C THR C 7 -25.76 -22.19 -24.94
N PRO C 8 -24.95 -21.71 -25.87
CA PRO C 8 -23.50 -21.76 -25.67
C PRO C 8 -23.09 -20.93 -24.47
N GLY C 9 -21.99 -21.36 -23.84
CA GLY C 9 -21.60 -20.79 -22.56
C GLY C 9 -22.25 -21.49 -21.40
N SER C 10 -22.37 -22.82 -21.53
CA SER C 10 -22.99 -23.67 -20.48
C SER C 10 -21.90 -24.51 -19.81
N CYS C 11 -22.00 -24.73 -18.49
CA CYS C 11 -21.01 -25.52 -17.72
C CYS C 11 -19.60 -24.94 -17.92
N GLN C 12 -19.47 -23.62 -17.86
CA GLN C 12 -18.18 -22.92 -18.04
C GLN C 12 -17.91 -22.10 -16.78
N PHE C 13 -16.64 -21.83 -16.47
CA PHE C 13 -16.34 -21.06 -15.24
C PHE C 13 -15.67 -19.73 -15.59
N LEU C 14 -16.48 -18.68 -15.77
CA LEU C 14 -15.96 -17.34 -16.01
C LEU C 14 -15.72 -16.68 -14.67
N THR C 15 -14.48 -16.25 -14.41
CA THR C 15 -14.11 -15.83 -13.07
C THR C 15 -14.88 -14.58 -12.64
N SER C 16 -15.23 -13.71 -13.58
CA SER C 16 -15.98 -12.50 -13.25
C SER C 16 -17.46 -12.67 -13.58
N ASP C 17 -18.10 -13.60 -12.88
CA ASP C 17 -19.53 -13.85 -13.05
C ASP C 17 -20.27 -13.61 -11.74
N ASP C 18 -21.60 -13.56 -11.84
CA ASP C 18 -22.44 -13.15 -10.70
C ASP C 18 -23.68 -14.03 -10.67
N PHE C 19 -23.59 -15.15 -9.96
CA PHE C 19 -24.69 -16.09 -9.84
C PHE C 19 -24.90 -16.44 -8.37
N GLN C 20 -26.04 -17.05 -8.09
CA GLN C 20 -26.34 -17.61 -6.78
C GLN C 20 -25.84 -19.05 -6.70
N SER C 21 -25.62 -19.51 -5.48
CA SER C 21 -25.06 -20.85 -5.28
C SER C 21 -25.48 -21.34 -3.91
N PRO C 22 -25.69 -22.64 -3.75
CA PRO C 22 -26.21 -23.14 -2.47
C PRO C 22 -25.21 -22.96 -1.34
N SER C 23 -25.73 -22.56 -0.18
CA SER C 23 -24.88 -22.32 0.98
C SER C 23 -24.43 -23.64 1.60
N ALA C 24 -23.15 -23.73 1.93
CA ALA C 24 -22.61 -24.95 2.50
C ALA C 24 -22.95 -25.11 3.97
N MET C 25 -23.17 -24.00 4.68
CA MET C 25 -23.51 -23.98 6.09
C MET C 25 -24.87 -23.33 6.23
N PRO C 26 -25.97 -24.07 6.15
CA PRO C 26 -27.28 -23.45 6.18
C PRO C 26 -27.69 -23.01 7.57
N GLN C 27 -28.38 -21.86 7.63
CA GLN C 27 -28.91 -21.29 8.87
C GLN C 27 -27.80 -20.98 9.86
N TYR C 28 -26.70 -20.44 9.36
CA TYR C 28 -25.58 -20.04 10.19
C TYR C 28 -25.81 -18.61 10.66
N ASP C 29 -25.51 -18.35 11.92
CA ASP C 29 -25.80 -17.06 12.56
C ASP C 29 -24.50 -16.27 12.66
N VAL C 30 -24.42 -15.18 11.90
CA VAL C 30 -23.17 -14.43 11.82
C VAL C 30 -23.08 -13.44 12.98
N THR C 31 -21.85 -13.07 13.33
CA THR C 31 -21.64 -12.12 14.46
C THR C 31 -22.19 -10.74 14.05
N PRO C 32 -23.03 -10.08 14.88
CA PRO C 32 -23.64 -8.80 14.49
C PRO C 32 -22.57 -7.72 14.25
N GLU C 33 -22.78 -6.87 13.24
CA GLU C 33 -21.77 -5.83 12.89
C GLU C 33 -21.64 -4.80 14.00
N MET C 34 -20.47 -4.15 14.11
CA MET C 34 -20.24 -3.09 15.13
C MET C 34 -19.64 -1.87 14.44
N LYS C 35 -19.82 -0.68 15.02
CA LYS C 35 -19.28 0.57 14.41
C LYS C 35 -17.75 0.55 14.47
N ILE C 36 -17.10 0.61 13.31
CA ILE C 36 -15.59 0.62 13.26
C ILE C 36 -15.12 1.92 12.59
N PRO C 37 -14.28 2.79 13.21
CA PRO C 37 -13.91 4.05 12.55
C PRO C 37 -13.11 3.86 11.24
N GLY C 38 -13.40 4.70 10.25
CA GLY C 38 -12.66 4.69 8.96
C GLY C 38 -13.11 3.61 8.00
N GLU C 39 -14.36 3.66 7.54
CA GLU C 39 -14.85 2.69 6.58
C GLU C 39 -14.60 3.19 5.17
N VAL C 40 -14.02 2.33 4.34
CA VAL C 40 -13.76 2.64 2.93
C VAL C 40 -14.92 2.10 2.11
N LYS C 41 -15.51 2.98 1.28
CA LYS C 41 -16.61 2.55 0.39
C LYS C 41 -16.11 2.60 -1.06
N ASN C 42 -15.19 3.53 -1.35
CA ASN C 42 -14.68 3.70 -2.74
C ASN C 42 -13.15 3.77 -2.70
N LEU C 43 -12.47 3.20 -3.71
CA LEU C 43 -10.99 3.28 -3.79
C LEU C 43 -10.56 4.75 -3.95
N MET C 44 -11.32 5.53 -4.71
CA MET C 44 -10.96 6.95 -4.95
C MET C 44 -10.76 7.69 -3.62
N GLU C 45 -11.53 7.32 -2.58
CA GLU C 45 -11.33 7.93 -1.24
C GLU C 45 -9.85 7.78 -0.84
N ILE C 46 -9.20 6.66 -1.20
CA ILE C 46 -7.81 6.46 -0.86
C ILE C 46 -6.90 7.25 -1.78
N ALA C 47 -7.31 7.45 -3.03
CA ALA C 47 -6.47 8.15 -3.99
C ALA C 47 -6.46 9.65 -3.78
N GLU C 48 -7.36 10.19 -2.96
CA GLU C 48 -7.48 11.62 -2.78
C GLU C 48 -6.73 12.14 -1.56
N VAL C 49 -5.89 11.31 -0.94
CA VAL C 49 -5.08 11.74 0.18
C VAL C 49 -3.64 11.89 -0.30
N ASP C 50 -2.91 12.80 0.34
CA ASP C 50 -1.56 13.12 -0.10
C ASP C 50 -0.60 11.98 0.19
N SER C 51 0.44 11.90 -0.63
CA SER C 51 1.47 10.88 -0.52
C SER C 51 2.77 11.51 -0.99
N VAL C 52 3.83 11.35 -0.20
CA VAL C 52 5.08 12.02 -0.53
C VAL C 52 5.70 11.40 -1.76
N VAL C 53 6.17 12.23 -2.68
CA VAL C 53 6.61 11.81 -4.01
C VAL C 53 8.12 11.66 -3.97
N PRO C 54 8.67 10.48 -4.27
CA PRO C 54 10.12 10.32 -4.30
C PRO C 54 10.73 10.95 -5.54
N VAL C 55 10.93 12.26 -5.52
CA VAL C 55 11.38 12.96 -6.73
C VAL C 55 12.84 12.68 -7.01
N GLN C 56 13.69 12.75 -5.99
CA GLN C 56 15.12 12.59 -6.18
C GLN C 56 15.52 11.12 -6.10
N ASN C 57 14.99 10.33 -7.04
CA ASN C 57 15.29 8.90 -7.09
C ASN C 57 16.44 8.66 -8.07
N VAL C 58 17.62 9.11 -7.67
CA VAL C 58 18.81 9.09 -8.50
C VAL C 58 19.88 8.28 -7.79
N GLY C 59 20.34 7.21 -8.42
CA GLY C 59 21.41 6.43 -7.84
C GLY C 59 20.96 5.74 -6.56
N GLU C 60 21.84 5.73 -5.57
CA GLU C 60 21.55 5.07 -4.30
C GLU C 60 20.57 5.86 -3.44
N LYS C 61 20.12 7.03 -3.88
CA LYS C 61 19.21 7.85 -3.09
C LYS C 61 17.90 7.14 -2.80
N VAL C 62 17.54 6.09 -3.57
CA VAL C 62 16.31 5.36 -3.29
C VAL C 62 16.43 4.45 -2.08
N ASN C 63 17.65 4.24 -1.58
CA ASN C 63 17.88 3.40 -0.41
C ASN C 63 17.98 4.22 0.87
N SER C 64 17.28 5.35 0.95
CA SER C 64 17.31 6.20 2.12
C SER C 64 16.10 7.14 2.05
N MET C 65 16.09 8.15 2.91
CA MET C 65 15.06 9.17 2.85
C MET C 65 15.41 10.29 1.90
N GLU C 66 16.66 10.36 1.44
CA GLU C 66 17.07 11.39 0.52
C GLU C 66 16.30 11.36 -0.80
N ALA C 67 15.58 10.28 -1.08
CA ALA C 67 14.75 10.24 -2.27
C ALA C 67 13.55 11.16 -2.19
N TYR C 68 13.26 11.70 -1.02
CA TYR C 68 12.07 12.52 -0.84
C TYR C 68 12.38 14.00 -0.75
N GLN C 69 13.64 14.39 -0.76
CA GLN C 69 14.05 15.77 -0.52
C GLN C 69 14.50 16.40 -1.83
N ILE C 70 13.98 17.59 -2.10
CA ILE C 70 14.36 18.34 -3.30
C ILE C 70 15.36 19.41 -2.89
N PRO C 71 16.61 19.31 -3.28
CA PRO C 71 17.67 20.17 -2.73
C PRO C 71 17.81 21.55 -3.34
N VAL C 72 17.16 22.56 -2.76
CA VAL C 72 17.24 23.96 -3.29
C VAL C 72 18.24 24.76 -2.46
N ARG C 73 19.24 25.38 -3.10
CA ARG C 73 20.25 26.20 -2.37
C ARG C 73 20.49 27.52 -3.11
N SER C 74 20.96 28.55 -2.38
CA SER C 74 21.24 29.89 -2.96
C SER C 74 22.41 29.81 -3.94
N ASN C 75 22.29 30.44 -5.12
CA ASN C 75 23.36 30.40 -6.14
C ASN C 75 23.52 31.77 -6.81
N GLU C 76 24.70 32.01 -7.40
CA GLU C 76 25.00 33.28 -8.11
C GLU C 76 24.50 33.19 -9.55
N GLY C 77 23.18 33.05 -9.71
CA GLY C 77 22.54 32.93 -11.03
C GLY C 77 21.02 32.94 -10.88
N SER C 78 20.28 33.13 -11.97
CA SER C 78 18.80 33.09 -11.86
C SER C 78 18.21 32.35 -13.07
N GLY C 79 17.05 31.72 -12.88
CA GLY C 79 16.39 31.01 -13.99
C GLY C 79 16.85 29.58 -14.17
N THR C 80 17.54 28.99 -13.19
CA THR C 80 17.95 27.61 -13.34
C THR C 80 16.80 26.67 -12.98
N GLN C 81 16.99 25.39 -13.26
CA GLN C 81 15.93 24.40 -13.06
C GLN C 81 16.13 23.65 -11.76
N VAL C 82 15.03 23.38 -11.07
CA VAL C 82 15.06 22.62 -9.83
C VAL C 82 14.78 21.15 -10.15
N PHE C 83 13.64 20.86 -10.75
CA PHE C 83 13.30 19.50 -11.12
C PHE C 83 12.38 19.52 -12.33
N GLY C 84 12.15 18.32 -12.87
CA GLY C 84 11.21 18.12 -13.96
C GLY C 84 10.94 16.66 -14.22
N PHE C 85 9.69 16.30 -14.47
CA PHE C 85 9.33 14.91 -14.74
C PHE C 85 8.04 14.88 -15.55
N PRO C 86 7.74 13.76 -16.20
CA PRO C 86 6.53 13.69 -17.03
C PRO C 86 5.28 13.39 -16.23
N LEU C 87 4.13 13.68 -16.84
CA LEU C 87 2.83 13.41 -16.18
C LEU C 87 2.37 12.00 -16.54
N GLN C 88 3.02 10.98 -15.95
CA GLN C 88 2.63 9.57 -16.20
C GLN C 88 2.48 8.88 -14.85
N PRO C 89 1.37 9.03 -14.11
CA PRO C 89 1.28 8.46 -12.76
C PRO C 89 1.46 6.93 -12.76
N GLY C 90 0.80 6.24 -13.70
CA GLY C 90 0.96 4.77 -13.81
C GLY C 90 2.34 4.32 -14.25
N TYR C 91 2.94 4.99 -15.24
CA TYR C 91 4.22 4.49 -15.80
C TYR C 91 5.47 5.15 -15.19
N SER C 92 5.45 6.47 -14.97
CA SER C 92 6.69 7.16 -14.50
C SER C 92 7.15 6.59 -13.15
N SER C 93 8.45 6.33 -13.02
CA SER C 93 9.00 5.76 -11.76
C SER C 93 8.73 6.73 -10.61
N VAL C 94 8.56 8.02 -10.92
CA VAL C 94 8.35 9.03 -9.85
C VAL C 94 7.00 8.78 -9.16
N PHE C 95 5.94 8.58 -9.94
CA PHE C 95 4.58 8.42 -9.35
C PHE C 95 4.14 6.95 -9.26
N SER C 96 4.97 6.00 -9.71
CA SER C 96 4.52 4.58 -9.77
C SER C 96 4.20 4.01 -8.39
N ARG C 97 4.98 4.35 -7.35
CA ARG C 97 4.79 3.71 -6.03
C ARG C 97 4.05 4.62 -5.06
N THR C 98 3.56 5.77 -5.52
CA THR C 98 2.73 6.65 -4.65
C THR C 98 1.35 6.00 -4.48
N LEU C 99 0.59 6.35 -3.44
CA LEU C 99 -0.79 5.81 -3.28
C LEU C 99 -1.54 5.88 -4.61
N LEU C 100 -1.56 7.04 -5.27
CA LEU C 100 -2.20 7.20 -6.57
C LEU C 100 -1.64 6.20 -7.58
N GLY C 101 -0.32 6.06 -7.64
CA GLY C 101 0.27 5.13 -8.59
C GLY C 101 -0.03 3.68 -8.26
N GLU C 102 0.01 3.33 -6.98
CA GLU C 102 -0.30 1.96 -6.58
C GLU C 102 -1.75 1.61 -6.85
N ILE C 103 -2.65 2.59 -6.81
CA ILE C 103 -4.04 2.30 -7.15
C ILE C 103 -4.23 2.28 -8.65
N LEU C 104 -3.52 3.13 -9.38
CA LEU C 104 -3.65 3.14 -10.83
C LEU C 104 -3.14 1.86 -11.45
N ASN C 105 -2.10 1.26 -10.87
CA ASN C 105 -1.53 0.08 -11.52
C ASN C 105 -2.45 -1.13 -11.47
N TYR C 106 -3.60 -1.04 -10.82
CA TYR C 106 -4.60 -2.10 -10.86
C TYR C 106 -5.63 -1.87 -11.95
N TYR C 107 -5.55 -0.76 -12.68
CA TYR C 107 -6.54 -0.42 -13.70
C TYR C 107 -5.86 -0.17 -15.04
N THR C 108 -6.63 0.22 -16.04
CA THR C 108 -6.09 0.44 -17.38
C THR C 108 -6.35 1.84 -17.91
N HIS C 109 -7.46 2.46 -17.56
CA HIS C 109 -7.74 3.82 -17.99
C HIS C 109 -7.84 4.74 -16.79
N TRP C 110 -7.33 5.96 -16.93
CA TRP C 110 -7.45 6.97 -15.88
C TRP C 110 -7.86 8.30 -16.51
N SER C 111 -8.56 9.12 -15.73
CA SER C 111 -9.06 10.43 -16.26
C SER C 111 -9.38 11.38 -15.12
N GLY C 112 -8.73 12.55 -15.10
CA GLY C 112 -9.03 13.55 -14.10
C GLY C 112 -7.86 14.50 -13.91
N SER C 113 -7.97 15.35 -12.88
CA SER C 113 -6.91 16.36 -12.62
C SER C 113 -5.96 15.87 -11.52
N ILE C 114 -4.75 16.42 -11.46
CA ILE C 114 -3.73 15.99 -10.46
C ILE C 114 -3.39 17.19 -9.57
N LYS C 115 -3.34 17.00 -8.25
CA LYS C 115 -2.96 18.10 -7.32
C LYS C 115 -1.54 17.85 -6.79
N LEU C 116 -0.64 18.83 -6.95
CA LEU C 116 0.73 18.70 -6.38
C LEU C 116 0.90 19.75 -5.29
N THR C 117 1.26 19.32 -4.07
CA THR C 117 1.42 20.27 -2.94
C THR C 117 2.90 20.35 -2.56
N PHE C 118 3.49 21.54 -2.65
CA PHE C 118 4.95 21.68 -2.36
C PHE C 118 5.12 22.38 -1.01
N MET C 119 5.84 21.75 -0.08
CA MET C 119 6.01 22.33 1.28
C MET C 119 7.47 22.73 1.49
N PHE C 120 7.72 23.98 1.88
CA PHE C 120 9.11 24.46 2.09
C PHE C 120 9.59 23.99 3.47
N CYS C 121 10.75 23.34 3.53
CA CYS C 121 11.26 22.82 4.78
C CYS C 121 12.62 23.44 5.11
N GLY C 122 12.74 24.75 4.94
CA GLY C 122 13.94 25.47 5.28
C GLY C 122 13.79 26.25 6.57
N SER C 123 14.74 27.15 6.81
CA SER C 123 14.69 27.98 8.00
C SER C 123 13.50 28.91 7.95
N ALA C 124 13.17 29.49 9.10
CA ALA C 124 12.12 30.50 9.14
C ALA C 124 12.61 31.86 8.67
N MET C 125 13.92 32.03 8.50
CA MET C 125 14.48 33.27 8.01
C MET C 125 14.85 33.22 6.54
N ALA C 126 14.64 32.08 5.88
CA ALA C 126 14.88 31.98 4.45
C ALA C 126 13.65 32.39 3.66
N THR C 127 13.87 32.86 2.44
CA THR C 127 12.80 33.29 1.57
C THR C 127 13.14 32.90 0.15
N GLY C 128 12.13 32.90 -0.71
CA GLY C 128 12.36 32.59 -2.11
C GLY C 128 11.07 32.67 -2.88
N LYS C 129 11.18 32.52 -4.20
CA LYS C 129 10.04 32.44 -5.09
C LYS C 129 10.34 31.44 -6.17
N PHE C 130 9.35 30.63 -6.52
CA PHE C 130 9.54 29.57 -7.49
C PHE C 130 8.46 29.62 -8.55
N LEU C 131 8.80 29.15 -9.75
CA LEU C 131 7.85 29.01 -10.84
C LEU C 131 7.59 27.53 -11.04
N LEU C 132 6.33 27.12 -10.90
CA LEU C 132 5.92 25.73 -11.07
C LEU C 132 5.07 25.64 -12.32
N ALA C 133 5.57 24.95 -13.34
CA ALA C 133 4.96 24.99 -14.67
C ALA C 133 4.60 23.59 -15.15
N TYR C 134 3.56 23.55 -15.97
CA TYR C 134 3.09 22.35 -16.65
C TYR C 134 2.92 22.68 -18.13
N SER C 135 3.47 21.83 -18.99
CA SER C 135 3.43 22.05 -20.44
C SER C 135 2.79 20.86 -21.12
N PRO C 136 1.65 21.01 -21.78
CA PRO C 136 1.06 19.91 -22.54
C PRO C 136 1.95 19.51 -23.69
N PRO C 137 1.78 18.31 -24.23
CA PRO C 137 2.73 17.80 -25.22
C PRO C 137 2.56 18.45 -26.59
N GLY C 138 3.49 18.13 -27.48
CA GLY C 138 3.48 18.65 -28.83
C GLY C 138 4.82 19.27 -29.16
N ALA C 139 5.39 19.96 -28.18
CA ALA C 139 6.77 20.39 -28.20
C ALA C 139 7.44 19.83 -26.96
N GLY C 140 8.72 19.50 -27.08
CA GLY C 140 9.41 18.78 -26.03
C GLY C 140 9.49 19.48 -24.70
N ALA C 141 10.24 18.91 -23.78
CA ALA C 141 10.39 19.51 -22.46
C ALA C 141 10.99 20.89 -22.58
N PRO C 142 10.44 21.90 -21.92
CA PRO C 142 11.05 23.23 -21.95
C PRO C 142 12.43 23.21 -21.31
N THR C 143 13.41 23.79 -22.00
CA THR C 143 14.78 23.78 -21.52
C THR C 143 15.15 25.02 -20.72
N LYS C 144 14.36 26.10 -20.81
CA LYS C 144 14.65 27.31 -20.08
C LYS C 144 13.35 27.97 -19.65
N ARG C 145 13.48 28.83 -18.62
CA ARG C 145 12.33 29.50 -17.94
C ARG C 145 11.45 30.26 -18.94
N VAL C 146 12.05 30.81 -20.00
CA VAL C 146 11.25 31.56 -21.02
C VAL C 146 10.26 30.62 -21.68
N ASP C 147 10.66 29.37 -21.96
CA ASP C 147 9.75 28.37 -22.60
C ASP C 147 8.76 27.80 -21.59
N ALA C 148 9.16 27.65 -20.32
CA ALA C 148 8.27 27.08 -19.33
C ALA C 148 7.26 28.10 -18.81
N MET C 149 7.52 29.38 -19.00
CA MET C 149 6.58 30.41 -18.57
C MET C 149 5.33 30.42 -19.44
N LEU C 150 5.44 29.95 -20.68
CA LEU C 150 4.32 30.00 -21.62
C LEU C 150 3.26 28.94 -21.35
N GLY C 151 3.51 28.00 -20.45
CA GLY C 151 2.56 26.97 -20.11
C GLY C 151 1.65 27.37 -18.96
N THR C 152 1.09 26.36 -18.31
CA THR C 152 0.24 26.60 -17.14
C THR C 152 1.12 26.64 -15.91
N HIS C 153 1.30 27.81 -15.33
CA HIS C 153 2.24 27.93 -14.22
C HIS C 153 1.62 28.65 -13.05
N VAL C 154 2.30 28.54 -11.92
CA VAL C 154 1.99 29.28 -10.70
C VAL C 154 3.29 29.82 -10.13
N VAL C 155 3.25 31.06 -9.66
CA VAL C 155 4.39 31.67 -8.99
C VAL C 155 4.17 31.57 -7.49
N TRP C 156 4.99 30.77 -6.83
CA TRP C 156 4.88 30.50 -5.41
C TRP C 156 5.81 31.41 -4.63
N ASP C 157 5.25 32.11 -3.65
CA ASP C 157 6.00 33.00 -2.77
C ASP C 157 6.09 32.37 -1.39
N VAL C 158 7.32 32.11 -0.94
CA VAL C 158 7.54 31.42 0.33
C VAL C 158 7.36 32.40 1.48
N GLY C 159 6.50 32.05 2.42
CA GLY C 159 6.21 32.91 3.54
C GLY C 159 5.66 32.16 4.73
N LEU C 160 4.65 32.74 5.39
CA LEU C 160 4.03 32.09 6.57
C LEU C 160 3.41 30.77 6.14
N GLN C 161 2.52 30.79 5.14
CA GLN C 161 1.98 29.52 4.58
C GLN C 161 3.10 28.85 3.79
N SER C 162 3.59 27.70 4.27
CA SER C 162 4.76 27.05 3.62
C SER C 162 4.36 26.12 2.47
N SER C 163 3.06 25.93 2.23
CA SER C 163 2.64 24.95 1.19
C SER C 163 1.88 25.64 0.05
N CYS C 164 2.23 25.33 -1.20
CA CYS C 164 1.49 25.89 -2.36
C CYS C 164 1.02 24.74 -3.24
N VAL C 165 -0.20 24.82 -3.76
CA VAL C 165 -0.76 23.66 -4.54
C VAL C 165 -0.78 24.02 -6.03
N LEU C 166 -0.19 23.17 -6.88
CA LEU C 166 -0.25 23.37 -8.35
C LEU C 166 -1.25 22.35 -8.89
N CYS C 167 -2.31 22.79 -9.57
CA CYS C 167 -3.36 21.84 -10.00
C CYS C 167 -3.23 21.54 -11.50
N ILE C 168 -2.73 20.36 -11.86
CA ILE C 168 -2.63 19.97 -13.25
C ILE C 168 -4.02 19.60 -13.75
N PRO C 169 -4.57 20.32 -14.73
CA PRO C 169 -5.93 20.04 -15.20
C PRO C 169 -5.94 18.92 -16.23
N TRP C 170 -7.11 18.69 -16.80
CA TRP C 170 -7.29 17.67 -17.83
C TRP C 170 -7.33 18.38 -19.18
N ILE C 171 -6.25 18.26 -19.94
CA ILE C 171 -6.18 18.86 -21.27
C ILE C 171 -5.90 17.77 -22.29
N SER C 172 -6.54 16.60 -22.09
CA SER C 172 -6.34 15.46 -23.03
C SER C 172 -7.48 15.40 -24.05
N GLN C 173 -7.15 15.18 -25.33
CA GLN C 173 -8.22 15.02 -26.36
C GLN C 173 -9.02 13.76 -26.02
N THR C 174 -8.34 12.68 -25.62
CA THR C 174 -9.02 11.42 -25.25
C THR C 174 -9.76 11.60 -23.92
N HIS C 175 -10.93 10.98 -23.77
CA HIS C 175 -11.65 11.04 -22.47
C HIS C 175 -10.81 10.34 -21.38
N TYR C 176 -10.18 9.21 -21.72
CA TYR C 176 -9.37 8.45 -20.74
C TYR C 176 -7.95 8.24 -21.28
N ARG C 177 -6.95 8.35 -20.41
CA ARG C 177 -5.53 8.16 -20.81
C ARG C 177 -5.06 6.78 -20.34
N TYR C 178 -4.20 6.13 -21.13
CA TYR C 178 -3.70 4.77 -20.78
C TYR C 178 -2.73 4.84 -19.61
N VAL C 179 -2.83 3.92 -18.65
CA VAL C 179 -1.93 3.87 -17.52
C VAL C 179 -0.55 3.42 -17.97
N ALA C 180 -0.49 2.47 -18.91
CA ALA C 180 0.78 2.03 -19.43
C ALA C 180 1.37 3.08 -20.37
N SER C 181 2.56 2.82 -20.88
CA SER C 181 3.27 3.79 -21.70
C SER C 181 2.77 3.71 -23.13
N ASP C 182 2.03 4.74 -23.56
CA ASP C 182 1.55 4.85 -24.92
C ASP C 182 1.84 6.27 -25.40
N GLU C 183 2.50 6.39 -26.56
CA GLU C 183 2.83 7.70 -27.07
C GLU C 183 1.61 8.43 -27.63
N TYR C 184 0.55 7.68 -27.96
CA TYR C 184 -0.70 8.34 -28.42
C TYR C 184 -1.27 9.18 -27.26
N THR C 185 -1.43 8.56 -26.09
CA THR C 185 -1.94 9.29 -24.91
C THR C 185 -0.77 9.97 -24.17
N ALA C 186 -0.17 10.99 -24.78
CA ALA C 186 0.94 11.75 -24.14
C ALA C 186 0.37 12.63 -23.02
N GLY C 187 1.16 12.88 -21.96
CA GLY C 187 0.65 13.66 -20.81
C GLY C 187 1.20 15.07 -20.77
N GLY C 188 2.52 15.24 -20.90
CA GLY C 188 3.12 16.55 -20.80
C GLY C 188 4.29 16.52 -19.85
N PHE C 189 4.73 17.71 -19.44
CA PHE C 189 5.94 17.82 -18.62
C PHE C 189 5.69 18.79 -17.48
N ILE C 190 6.22 18.48 -16.30
CA ILE C 190 6.07 19.30 -15.11
C ILE C 190 7.45 19.71 -14.64
N THR C 191 7.69 21.01 -14.50
CA THR C 191 9.01 21.53 -14.19
C THR C 191 8.92 22.62 -13.14
N CYS C 192 10.07 22.91 -12.53
CA CYS C 192 10.15 23.98 -11.54
C CYS C 192 11.44 24.76 -11.72
N TRP C 193 11.35 26.08 -11.56
CA TRP C 193 12.47 26.98 -11.82
C TRP C 193 12.58 28.02 -10.71
N TYR C 194 13.80 28.47 -10.47
CA TYR C 194 14.04 29.58 -9.54
C TYR C 194 13.45 30.84 -10.14
N GLN C 195 12.44 31.41 -9.48
CA GLN C 195 11.95 32.70 -9.93
C GLN C 195 12.94 33.81 -9.62
N THR C 196 13.30 33.94 -8.34
CA THR C 196 14.34 34.92 -7.95
C THR C 196 15.53 34.12 -7.42
N ASN C 197 16.06 34.49 -6.25
CA ASN C 197 17.16 33.71 -5.62
C ASN C 197 16.80 33.49 -4.16
N ILE C 198 17.23 32.38 -3.56
CA ILE C 198 16.97 32.17 -2.10
C ILE C 198 17.71 33.28 -1.33
N VAL C 199 17.01 33.95 -0.41
CA VAL C 199 17.62 35.05 0.39
C VAL C 199 17.82 34.54 1.83
N VAL C 200 19.07 34.38 2.27
CA VAL C 200 19.36 33.83 3.63
C VAL C 200 20.18 34.83 4.43
N PRO C 201 19.84 35.11 5.70
CA PRO C 201 20.64 35.99 6.56
C PRO C 201 21.91 35.31 7.05
N ALA C 202 22.85 36.09 7.59
CA ALA C 202 24.12 35.52 8.11
C ALA C 202 23.83 34.59 9.29
N ASP C 203 24.60 33.51 9.43
CA ASP C 203 24.41 32.52 10.53
C ASP C 203 23.17 31.66 10.27
N ALA C 204 22.69 31.63 9.02
CA ALA C 204 21.54 30.76 8.68
C ALA C 204 21.91 29.87 7.49
N GLN C 205 21.64 28.57 7.59
CA GLN C 205 21.95 27.61 6.49
C GLN C 205 21.37 28.13 5.18
N SER C 206 22.13 28.01 4.08
CA SER C 206 21.68 28.49 2.76
C SER C 206 21.25 27.34 1.85
N SER C 207 21.24 26.11 2.38
CA SER C 207 20.84 24.95 1.60
C SER C 207 19.60 24.34 2.24
N CYS C 208 18.50 24.33 1.51
CA CYS C 208 17.22 23.88 2.05
C CYS C 208 16.66 22.76 1.18
N TYR C 209 15.56 22.20 1.65
CA TYR C 209 14.87 21.12 0.96
C TYR C 209 13.40 21.45 0.81
N ILE C 210 12.82 20.96 -0.28
CA ILE C 210 11.39 21.04 -0.51
C ILE C 210 10.84 19.62 -0.51
N MET C 211 9.56 19.47 -0.17
CA MET C 211 8.87 18.19 -0.25
C MET C 211 7.64 18.32 -1.13
N CYS C 212 7.24 17.22 -1.75
CA CYS C 212 6.15 17.20 -2.71
C CYS C 212 5.15 16.10 -2.37
N PHE C 213 3.87 16.44 -2.38
CA PHE C 213 2.78 15.51 -2.16
C PHE C 213 1.89 15.49 -3.40
N VAL C 214 1.32 14.32 -3.71
CA VAL C 214 0.39 14.19 -4.87
C VAL C 214 -0.96 13.66 -4.40
N SER C 215 -2.07 14.19 -4.93
CA SER C 215 -3.42 13.67 -4.58
C SER C 215 -4.36 13.72 -5.80
N ALA C 216 -5.31 12.80 -5.89
CA ALA C 216 -6.29 12.80 -7.00
C ALA C 216 -7.34 13.91 -6.78
N CYS C 217 -7.85 14.49 -7.86
CA CYS C 217 -8.89 15.55 -7.77
C CYS C 217 -10.30 14.93 -7.68
N ASN C 218 -11.32 15.77 -7.47
CA ASN C 218 -12.73 15.30 -7.36
C ASN C 218 -13.20 14.64 -8.67
N ASP C 219 -12.66 15.07 -9.82
CA ASP C 219 -13.12 14.54 -11.13
C ASP C 219 -12.38 13.24 -11.49
N PHE C 220 -11.43 12.80 -10.65
CA PHE C 220 -10.61 11.60 -10.99
C PHE C 220 -11.48 10.35 -11.18
N SER C 221 -11.01 9.38 -11.96
CA SER C 221 -11.77 8.18 -12.28
C SER C 221 -10.87 7.19 -12.99
N VAL C 222 -11.16 5.90 -12.82
CA VAL C 222 -10.38 4.82 -13.41
C VAL C 222 -11.30 3.75 -13.97
N ARG C 223 -10.89 3.02 -15.02
CA ARG C 223 -11.96 2.18 -15.68
C ARG C 223 -11.68 0.76 -16.20
N LEU C 224 -10.72 0.00 -15.66
CA LEU C 224 -10.56 -1.39 -16.16
C LEU C 224 -9.69 -2.23 -15.21
N LEU C 225 -10.30 -3.14 -14.44
CA LEU C 225 -9.55 -3.94 -13.45
C LEU C 225 -8.47 -4.77 -14.17
N LYS C 226 -7.26 -4.84 -13.60
CA LYS C 226 -6.18 -5.68 -14.17
C LYS C 226 -5.28 -6.15 -13.00
N ASP C 227 -4.13 -6.75 -13.29
CA ASP C 227 -3.23 -7.28 -12.23
C ASP C 227 -1.96 -6.42 -12.14
N THR C 228 -1.55 -6.06 -10.93
CA THR C 228 -0.35 -5.18 -10.76
C THR C 228 0.90 -5.88 -11.30
N PRO C 229 1.75 -5.20 -12.08
CA PRO C 229 3.02 -5.78 -12.56
C PRO C 229 3.99 -6.07 -11.41
N PHE C 230 4.01 -5.23 -10.38
CA PHE C 230 5.01 -5.37 -9.28
C PHE C 230 4.88 -6.70 -8.54
N ILE C 231 3.67 -7.15 -8.24
CA ILE C 231 3.52 -8.39 -7.41
C ILE C 231 4.10 -9.58 -8.18
N SER C 232 4.79 -10.48 -7.46
CA SER C 232 5.44 -11.66 -8.13
C SER C 232 5.49 -12.86 -7.19
N GLN C 233 5.94 -14.02 -7.68
CA GLN C 233 6.00 -15.28 -6.88
C GLN C 233 6.68 -16.40 -7.68
N ASN C 234 7.60 -17.13 -7.05
CA ASN C 234 8.28 -18.26 -7.75
C ASN C 234 7.59 -19.58 -7.37
N SER C 235 7.09 -19.67 -6.13
CA SER C 235 6.38 -20.88 -5.64
C SER C 235 5.47 -20.51 -4.47
N PHE C 236 4.50 -21.38 -4.15
CA PHE C 236 3.55 -21.12 -3.02
C PHE C 236 4.35 -20.85 -1.75
N PHE C 237 3.95 -19.80 -1.01
CA PHE C 237 4.63 -19.41 0.25
C PHE C 237 4.46 -20.48 1.34
N GLN C 238 5.44 -20.55 2.25
CA GLN C 238 5.43 -21.56 3.35
C GLN C 238 5.18 -22.95 2.75
N GLY D 2 -42.55 -12.88 -6.04
CA GLY D 2 -41.84 -11.84 -5.32
C GLY D 2 -40.50 -11.49 -5.93
N ALA D 3 -40.54 -10.76 -7.03
CA ALA D 3 -39.36 -10.43 -7.82
C ALA D 3 -38.97 -8.97 -7.62
N GLN D 4 -37.70 -8.68 -7.89
CA GLN D 4 -37.16 -7.34 -7.81
C GLN D 4 -36.79 -6.86 -9.21
N VAL D 5 -37.30 -5.68 -9.58
CA VAL D 5 -36.96 -5.08 -10.91
C VAL D 5 -36.11 -3.84 -10.68
N SER D 6 -34.89 -3.80 -11.22
CA SER D 6 -33.96 -2.67 -10.99
C SER D 6 -33.33 -2.23 -12.32
N THR D 7 -32.84 -0.99 -12.40
CA THR D 7 -32.19 -0.47 -13.62
C THR D 7 -30.80 -1.13 -13.80
N GLN D 8 -30.31 -1.21 -15.04
CA GLN D 8 -29.00 -1.85 -15.33
C GLN D 8 -27.90 -0.78 -15.42
N LYS D 9 -26.68 -1.19 -15.79
CA LYS D 9 -25.55 -0.24 -15.95
C LYS D 9 -25.45 0.10 -17.44
N THR D 10 -25.95 1.27 -17.84
CA THR D 10 -25.91 1.66 -19.27
C THR D 10 -25.10 2.95 -19.43
N GLY D 11 -24.67 3.24 -20.67
CA GLY D 11 -23.90 4.46 -20.97
C GLY D 11 -24.75 5.71 -20.92
N ALA D 12 -24.14 6.84 -20.58
CA ALA D 12 -24.84 8.15 -20.50
C ALA D 12 -24.72 8.90 -21.83
N HIS D 13 -25.49 10.00 -21.95
CA HIS D 13 -25.48 10.85 -23.16
C HIS D 13 -25.64 9.97 -24.42
N ILE D 25 -31.73 -1.37 -19.51
CA ILE D 25 -33.18 -0.98 -19.55
C ILE D 25 -33.96 -1.90 -18.59
N HIS D 26 -33.58 -1.91 -17.31
CA HIS D 26 -34.27 -2.73 -16.26
C HIS D 26 -33.92 -4.23 -16.31
N TYR D 27 -33.84 -4.87 -15.14
CA TYR D 27 -33.56 -6.34 -15.06
C TYR D 27 -34.40 -6.94 -13.92
N THR D 28 -34.64 -8.25 -13.94
CA THR D 28 -35.51 -8.91 -12.92
C THR D 28 -34.67 -9.90 -12.08
N ASN D 29 -34.86 -9.91 -10.76
CA ASN D 29 -34.05 -10.78 -9.86
C ASN D 29 -34.93 -11.52 -8.85
N ILE D 30 -34.75 -12.85 -8.72
CA ILE D 30 -35.48 -13.66 -7.75
C ILE D 30 -34.48 -14.44 -6.93
N ASN D 31 -34.71 -14.53 -5.62
CA ASN D 31 -33.86 -15.30 -4.73
C ASN D 31 -34.44 -16.69 -4.54
N TYR D 32 -33.60 -17.72 -4.75
CA TYR D 32 -34.06 -19.10 -4.68
C TYR D 32 -33.67 -19.82 -3.41
N TYR D 33 -32.63 -19.38 -2.71
CA TYR D 33 -32.17 -20.03 -1.50
C TYR D 33 -32.54 -19.16 -0.30
N LYS D 34 -32.47 -19.76 0.88
CA LYS D 34 -32.99 -19.12 2.10
C LYS D 34 -31.89 -18.82 3.10
N ASP D 35 -30.75 -18.30 2.66
CA ASP D 35 -29.64 -18.05 3.56
C ASP D 35 -29.04 -16.66 3.48
N ALA D 36 -29.36 -15.87 2.45
CA ALA D 36 -28.93 -14.48 2.36
C ALA D 36 -27.42 -14.35 2.21
N ALA D 37 -26.71 -15.46 2.28
CA ALA D 37 -25.30 -15.52 1.94
C ALA D 37 -25.09 -16.15 0.58
N SER D 38 -26.17 -16.57 -0.08
CA SER D 38 -26.11 -17.18 -1.38
C SER D 38 -26.56 -16.25 -2.49
N ASN D 39 -26.97 -15.03 -2.15
CA ASN D 39 -27.40 -14.07 -3.15
C ASN D 39 -26.21 -13.65 -4.01
N SER D 40 -26.49 -12.86 -5.04
CA SER D 40 -25.45 -12.33 -5.90
C SER D 40 -24.70 -11.23 -5.18
N ALA D 41 -23.68 -10.69 -5.84
CA ALA D 41 -22.86 -9.64 -5.25
C ALA D 41 -23.55 -8.29 -5.41
N THR D 42 -23.27 -7.39 -4.46
CA THR D 42 -23.83 -6.04 -4.48
C THR D 42 -22.88 -5.15 -5.26
N ARG D 43 -23.14 -5.00 -6.55
CA ARG D 43 -22.25 -4.28 -7.43
C ARG D 43 -22.62 -2.82 -7.62
N GLN D 44 -23.74 -2.37 -7.07
CA GLN D 44 -24.30 -1.07 -7.40
C GLN D 44 -24.50 -0.22 -6.15
N ASP D 45 -23.48 -0.15 -5.31
CA ASP D 45 -23.50 0.69 -4.12
C ASP D 45 -22.50 1.83 -4.33
N PHE D 46 -22.96 2.90 -4.95
CA PHE D 46 -22.11 4.05 -5.28
C PHE D 46 -22.37 5.14 -4.25
N ALA D 47 -21.67 5.05 -3.11
CA ALA D 47 -21.79 6.03 -2.05
C ALA D 47 -20.39 6.32 -1.51
N GLN D 48 -20.06 7.59 -1.36
CA GLN D 48 -18.73 7.99 -0.95
C GLN D 48 -18.81 9.00 0.19
N ASP D 49 -17.74 9.05 0.98
CA ASP D 49 -17.59 10.07 2.03
C ASP D 49 -16.11 10.17 2.37
N PRO D 50 -15.33 10.87 1.55
CA PRO D 50 -13.90 10.99 1.81
C PRO D 50 -13.52 12.02 2.86
N GLY D 51 -14.47 12.54 3.62
CA GLY D 51 -14.15 13.49 4.67
C GLY D 51 -13.47 12.89 5.87
N LYS D 52 -13.41 11.56 5.98
CA LYS D 52 -12.72 10.96 7.11
C LYS D 52 -11.22 10.91 6.88
N PHE D 53 -10.80 10.73 5.62
CA PHE D 53 -9.39 10.62 5.30
C PHE D 53 -8.82 11.94 4.83
N THR D 54 -9.48 12.59 3.89
CA THR D 54 -9.19 13.98 3.58
C THR D 54 -9.98 14.87 4.53
N GLU D 55 -9.31 15.87 5.07
CA GLU D 55 -9.89 16.77 6.07
C GLU D 55 -10.38 16.04 7.32
N PRO D 56 -9.52 15.38 8.08
CA PRO D 56 -9.93 14.84 9.38
C PRO D 56 -9.75 15.79 10.55
N VAL D 57 -9.48 17.07 10.29
CA VAL D 57 -9.14 18.05 11.32
C VAL D 57 -10.36 18.40 12.16
N LYS D 58 -10.13 19.06 13.30
CA LYS D 58 -11.18 19.40 14.24
C LYS D 58 -11.85 20.72 13.91
N ASP D 59 -11.07 21.76 13.64
CA ASP D 59 -11.60 23.05 13.24
C ASP D 59 -11.71 23.12 11.74
N ILE D 60 -12.87 23.57 11.24
CA ILE D 60 -13.09 23.61 9.81
C ILE D 60 -12.09 24.56 9.16
N MET D 61 -11.75 24.26 7.91
CA MET D 61 -10.77 25.05 7.16
C MET D 61 -11.39 25.48 5.85
N ILE D 62 -11.74 26.76 5.75
CA ILE D 62 -12.29 27.30 4.51
C ILE D 62 -11.16 27.44 3.48
N LYS D 63 -11.48 27.17 2.22
CA LYS D 63 -10.45 27.08 1.19
C LYS D 63 -9.80 28.44 0.94
N SER D 64 -10.60 29.50 0.81
CA SER D 64 -10.06 30.79 0.42
C SER D 64 -9.32 31.50 1.54
N LEU D 65 -9.59 31.16 2.79
CA LEU D 65 -8.93 31.81 3.90
C LEU D 65 -7.53 31.23 4.11
N PRO D 66 -6.64 31.98 4.76
CA PRO D 66 -5.35 31.41 5.11
C PRO D 66 -5.50 30.30 6.13
N ALA D 67 -4.66 29.26 6.00
CA ALA D 67 -4.77 28.09 6.91
C ALA D 67 -4.40 28.51 8.33
N LEU D 68 -3.24 29.15 8.50
CA LEU D 68 -2.78 29.57 9.85
C LEU D 68 -2.79 31.09 9.94
N ASN D 69 -3.83 31.66 10.59
CA ASN D 69 -3.95 33.10 10.72
C ASN D 69 -4.35 33.48 12.15
N CYS E 64 18.17 -27.78 -0.49
CA CYS E 64 17.68 -26.91 -1.58
C CYS E 64 18.26 -27.36 -2.93
N GLU E 65 17.63 -26.96 -4.03
CA GLU E 65 18.13 -27.33 -5.38
C GLU E 65 19.00 -26.20 -5.93
N VAL E 66 19.14 -26.16 -7.26
CA VAL E 66 19.91 -25.09 -7.94
C VAL E 66 19.14 -23.76 -7.79
N PRO E 67 19.77 -22.59 -7.52
CA PRO E 67 19.03 -21.33 -7.47
C PRO E 67 18.28 -21.03 -8.78
N THR E 68 17.21 -20.21 -8.72
CA THR E 68 16.36 -19.94 -9.91
C THR E 68 17.12 -19.19 -11.01
N ARG E 69 17.01 -19.64 -12.26
CA ARG E 69 17.66 -18.94 -13.40
C ARG E 69 16.92 -17.63 -13.70
N LEU E 70 17.65 -16.55 -13.95
CA LEU E 70 17.04 -15.23 -14.25
C LEU E 70 17.69 -14.67 -15.52
N ASN E 71 16.91 -14.08 -16.43
CA ASN E 71 17.46 -13.60 -17.72
C ASN E 71 18.46 -12.45 -17.48
N SER E 72 18.11 -11.52 -16.60
CA SER E 72 18.92 -10.30 -16.32
C SER E 72 20.29 -10.60 -15.68
N ALA E 73 20.32 -11.48 -14.67
CA ALA E 73 21.59 -11.69 -13.93
C ALA E 73 22.09 -13.13 -14.04
N SER E 74 23.29 -13.40 -13.49
CA SER E 74 23.87 -14.75 -13.53
C SER E 74 24.47 -15.06 -12.15
N LEU E 75 24.54 -16.33 -11.76
CA LEU E 75 25.03 -16.68 -10.40
C LEU E 75 26.50 -16.27 -10.26
N LYS E 76 26.86 -15.66 -9.13
CA LYS E 76 28.27 -15.21 -8.90
C LYS E 76 29.17 -16.40 -8.61
N GLN E 77 30.47 -16.27 -8.91
CA GLN E 77 31.44 -17.34 -8.55
C GLN E 77 31.61 -17.32 -7.02
N PRO E 78 31.85 -18.47 -6.34
CA PRO E 78 31.94 -19.78 -6.98
C PRO E 78 30.63 -20.58 -6.88
N TYR E 79 29.54 -19.95 -6.43
CA TYR E 79 28.24 -20.66 -6.25
C TYR E 79 27.92 -21.49 -7.50
N ILE E 80 28.38 -21.07 -8.68
CA ILE E 80 28.10 -21.81 -9.90
C ILE E 80 28.62 -23.24 -9.78
N THR E 81 29.80 -23.41 -9.20
CA THR E 81 30.39 -24.74 -8.97
C THR E 81 30.05 -25.28 -7.60
N GLN E 82 28.77 -25.38 -7.26
CA GLN E 82 28.33 -25.82 -5.94
C GLN E 82 26.99 -26.51 -6.09
N ASN E 83 26.82 -27.64 -5.42
CA ASN E 83 25.61 -28.44 -5.57
C ASN E 83 24.95 -28.83 -4.25
N TYR E 84 25.53 -28.44 -3.11
CA TYR E 84 24.95 -28.73 -1.80
C TYR E 84 24.68 -27.43 -1.09
N PHE E 85 23.40 -27.12 -0.89
CA PHE E 85 22.98 -25.87 -0.27
C PHE E 85 22.15 -26.17 0.97
N PRO E 86 22.71 -26.04 2.17
CA PRO E 86 21.92 -26.26 3.38
C PRO E 86 20.91 -25.14 3.59
N VAL E 87 20.03 -25.34 4.56
CA VAL E 87 18.99 -24.35 4.86
C VAL E 87 19.64 -23.11 5.46
N GLY E 88 19.17 -21.94 5.03
CA GLY E 88 19.72 -20.68 5.50
C GLY E 88 21.01 -20.32 4.80
N THR E 89 21.14 -20.68 3.54
CA THR E 89 22.33 -20.41 2.75
C THR E 89 22.01 -19.28 1.77
N VAL E 90 22.87 -18.26 1.74
CA VAL E 90 22.67 -17.10 0.90
C VAL E 90 23.57 -17.21 -0.33
N VAL E 91 23.00 -16.93 -1.50
CA VAL E 91 23.74 -16.88 -2.75
C VAL E 91 23.55 -15.50 -3.36
N GLU E 92 24.60 -15.05 -4.05
CA GLU E 92 24.63 -13.69 -4.66
C GLU E 92 24.71 -13.81 -6.18
N TYR E 93 24.10 -12.85 -6.88
CA TYR E 93 24.10 -12.85 -8.37
C TYR E 93 24.92 -11.67 -8.88
N GLU E 94 25.04 -11.56 -10.21
CA GLU E 94 25.78 -10.45 -10.85
C GLU E 94 25.16 -10.19 -12.21
N CYS E 95 25.29 -8.98 -12.72
CA CYS E 95 24.63 -8.62 -13.99
C CYS E 95 25.41 -9.18 -15.17
N ARG E 96 24.72 -9.94 -16.03
CA ARG E 96 25.37 -10.53 -17.23
C ARG E 96 25.49 -9.44 -18.32
N PRO E 97 26.40 -9.53 -19.31
CA PRO E 97 26.54 -8.47 -20.31
C PRO E 97 25.30 -8.28 -21.19
N GLY E 98 25.03 -7.04 -21.61
CA GLY E 98 25.51 -5.80 -20.96
C GLY E 98 24.92 -5.55 -19.59
N TYR E 99 23.61 -5.76 -19.39
CA TYR E 99 22.86 -5.56 -18.11
C TYR E 99 23.54 -4.70 -17.03
N ARG E 100 22.79 -3.72 -16.51
CA ARG E 100 23.32 -2.83 -15.44
C ARG E 100 22.59 -3.13 -14.14
N ARG E 101 23.31 -3.12 -13.01
CA ARG E 101 22.71 -3.43 -11.68
C ARG E 101 21.67 -2.38 -11.29
N GLU E 102 20.58 -2.84 -10.66
CA GLU E 102 19.52 -1.91 -10.19
C GLU E 102 19.77 -1.60 -8.71
N PRO E 103 19.99 -0.33 -8.29
CA PRO E 103 20.30 0.00 -6.90
C PRO E 103 19.26 -0.35 -5.84
N SER E 104 17.96 -0.33 -6.20
CA SER E 104 16.92 -0.61 -5.22
C SER E 104 16.89 -2.09 -4.85
N LEU E 105 16.87 -2.96 -5.84
CA LEU E 105 16.84 -4.39 -5.58
C LEU E 105 18.20 -4.91 -5.17
N SER E 106 18.21 -5.94 -4.32
CA SER E 106 19.49 -6.53 -3.85
C SER E 106 19.62 -7.96 -4.40
N PRO E 107 20.74 -8.33 -5.05
CA PRO E 107 20.86 -9.64 -5.67
C PRO E 107 21.27 -10.76 -4.71
N LYS E 108 20.40 -11.12 -3.75
CA LYS E 108 20.71 -12.23 -2.82
C LYS E 108 19.48 -13.14 -2.68
N LEU E 109 19.68 -14.46 -2.54
CA LEU E 109 18.55 -15.40 -2.32
C LEU E 109 18.90 -16.31 -1.14
N THR E 110 17.89 -16.71 -0.35
CA THR E 110 18.15 -17.53 0.85
C THR E 110 17.35 -18.84 0.76
N CYS E 111 17.97 -19.98 1.05
CA CYS E 111 17.23 -21.26 1.08
C CYS E 111 16.35 -21.26 2.33
N LEU E 112 15.03 -21.28 2.17
CA LEU E 112 14.10 -21.23 3.32
C LEU E 112 13.96 -22.64 3.92
N GLN E 113 13.25 -22.76 5.05
CA GLN E 113 13.11 -24.07 5.75
C GLN E 113 12.43 -25.06 4.80
N ASN E 114 11.45 -24.61 4.02
CA ASN E 114 10.73 -25.51 3.09
C ASN E 114 11.65 -25.98 1.94
N LEU E 115 12.98 -25.88 2.10
CA LEU E 115 13.87 -26.25 0.98
C LEU E 115 13.41 -25.58 -0.31
N LYS E 116 13.10 -24.28 -0.24
CA LYS E 116 12.71 -23.51 -1.45
C LYS E 116 13.42 -22.15 -1.38
N TRP E 117 13.89 -21.64 -2.52
CA TRP E 117 14.63 -20.35 -2.55
C TRP E 117 13.66 -19.18 -2.35
N SER E 118 14.19 -18.02 -1.92
CA SER E 118 13.35 -16.82 -1.69
C SER E 118 12.88 -16.25 -3.04
N THR E 119 11.85 -15.39 -3.02
CA THR E 119 11.29 -14.87 -4.30
C THR E 119 12.39 -14.10 -5.04
N ALA E 120 12.50 -14.30 -6.35
CA ALA E 120 13.57 -13.66 -7.15
C ALA E 120 12.97 -12.76 -8.23
N VAL E 121 13.51 -11.55 -8.38
CA VAL E 121 13.04 -10.60 -9.42
C VAL E 121 14.26 -10.15 -10.23
N GLU E 122 14.07 -9.71 -11.47
CA GLU E 122 15.19 -9.26 -12.33
C GLU E 122 15.97 -8.17 -11.59
N PHE E 123 17.22 -8.45 -11.19
CA PHE E 123 18.02 -7.47 -10.40
C PHE E 123 18.80 -6.55 -11.36
N CYS E 124 18.70 -6.78 -12.66
CA CYS E 124 19.47 -5.99 -13.65
C CYS E 124 18.56 -5.52 -14.79
N LYS E 125 18.96 -4.45 -15.49
CA LYS E 125 18.14 -3.90 -16.61
C LYS E 125 19.03 -3.73 -17.84
N LYS E 126 18.45 -3.75 -19.05
CA LYS E 126 19.25 -3.63 -20.30
C LYS E 126 19.92 -2.25 -20.36
N LYS E 127 21.16 -2.20 -20.86
CA LYS E 127 21.89 -0.91 -21.01
C LYS E 127 21.36 -0.16 -22.23
N SER E 128 21.38 1.18 -22.20
CA SER E 128 20.90 1.97 -23.32
C SER E 128 22.06 2.37 -24.22
N CYS E 129 21.89 2.13 -25.50
CA CYS E 129 22.85 2.62 -26.48
C CYS E 129 22.73 4.12 -26.61
N PRO E 130 23.79 4.80 -27.07
CA PRO E 130 23.71 6.26 -27.23
C PRO E 130 22.62 6.66 -28.20
N ASN E 131 22.27 7.94 -28.22
CA ASN E 131 21.30 8.42 -29.20
C ASN E 131 21.84 8.16 -30.60
N PRO E 132 20.98 7.81 -31.56
CA PRO E 132 21.49 7.42 -32.89
C PRO E 132 22.17 8.57 -33.60
N GLY E 133 21.70 9.78 -33.34
CA GLY E 133 22.16 10.94 -34.08
C GLY E 133 21.10 11.43 -35.04
N GLU E 134 21.56 12.20 -36.02
CA GLU E 134 20.70 12.76 -37.05
C GLU E 134 21.43 12.66 -38.37
N ILE E 135 21.06 11.67 -39.20
CA ILE E 135 21.72 11.50 -40.53
C ILE E 135 21.28 12.62 -41.46
N ARG E 136 22.23 13.31 -42.11
CA ARG E 136 21.90 14.44 -43.02
C ARG E 136 21.15 13.91 -44.25
N ASN E 137 20.05 14.56 -44.63
CA ASN E 137 19.25 14.16 -45.82
C ASN E 137 18.78 12.71 -45.64
N GLY E 138 18.52 12.29 -44.40
CA GLY E 138 18.15 10.88 -44.14
C GLY E 138 17.13 10.75 -43.02
N GLN E 139 16.38 9.66 -43.00
CA GLN E 139 15.39 9.42 -41.91
C GLN E 139 15.77 8.16 -41.15
N ILE E 140 15.83 8.24 -39.81
CA ILE E 140 16.15 7.07 -38.98
C ILE E 140 14.84 6.53 -38.42
N ASP E 141 14.62 5.23 -38.57
CA ASP E 141 13.45 4.56 -38.03
C ASP E 141 13.87 3.74 -36.82
N VAL E 142 13.20 4.00 -35.69
CA VAL E 142 13.48 3.36 -34.41
C VAL E 142 12.25 2.59 -33.96
N PRO E 143 12.00 1.39 -34.46
CA PRO E 143 10.80 0.66 -34.07
C PRO E 143 10.84 0.12 -32.65
N GLY E 144 12.04 -0.22 -32.17
CA GLY E 144 12.15 -0.89 -30.89
C GLY E 144 13.04 -0.20 -29.87
N GLY E 145 13.00 1.11 -29.79
CA GLY E 145 13.80 1.81 -28.80
C GLY E 145 15.28 1.75 -29.11
N ILE E 146 16.07 2.12 -28.11
CA ILE E 146 17.53 2.15 -28.26
C ILE E 146 18.18 1.32 -27.16
N LEU E 147 17.48 0.32 -26.67
CA LEU E 147 18.00 -0.54 -25.63
C LEU E 147 18.93 -1.60 -26.23
N PHE E 148 19.52 -2.41 -25.36
CA PHE E 148 20.42 -3.46 -25.80
C PHE E 148 19.67 -4.48 -26.64
N GLY E 149 20.11 -4.65 -27.89
CA GLY E 149 19.50 -5.59 -28.80
C GLY E 149 18.53 -4.99 -29.79
N ALA E 150 18.40 -3.66 -29.84
CA ALA E 150 17.50 -3.04 -30.79
C ALA E 150 18.19 -2.87 -32.14
N THR E 151 17.39 -2.49 -33.15
CA THR E 151 17.87 -2.28 -34.50
C THR E 151 17.23 -1.02 -35.07
N ILE E 152 18.06 -0.07 -35.50
CA ILE E 152 17.54 1.18 -36.13
C ILE E 152 17.70 1.03 -37.65
N SER E 153 16.89 1.75 -38.43
CA SER E 153 16.95 1.65 -39.92
C SER E 153 17.31 3.01 -40.51
N PHE E 154 18.27 3.02 -41.45
CA PHE E 154 18.68 4.30 -42.10
C PHE E 154 18.05 4.37 -43.49
N SER E 155 17.33 5.47 -43.78
CA SER E 155 16.71 5.66 -45.10
C SER E 155 17.13 7.02 -45.66
N CYS E 156 16.85 7.28 -46.94
CA CYS E 156 17.19 8.57 -47.53
C CYS E 156 15.99 9.19 -48.21
N ASN E 157 16.03 10.51 -48.33
CA ASN E 157 14.88 11.26 -48.91
C ASN E 157 14.82 11.03 -50.41
N THR E 158 13.73 11.48 -51.02
CA THR E 158 13.60 11.39 -52.49
C THR E 158 14.53 12.41 -53.12
N GLY E 159 15.44 11.95 -53.98
CA GLY E 159 16.43 12.86 -54.62
C GLY E 159 17.85 12.66 -54.14
N TYR E 160 18.08 11.72 -53.20
CA TYR E 160 19.46 11.41 -52.74
C TYR E 160 19.69 9.90 -52.77
N LYS E 161 20.95 9.47 -52.94
CA LYS E 161 21.28 8.02 -53.02
C LYS E 161 22.15 7.62 -51.83
N LEU E 162 21.77 6.56 -51.12
CA LEU E 162 22.55 6.09 -49.93
C LEU E 162 23.64 5.13 -50.39
N SER E 165 25.24 2.14 -43.18
CA SER E 165 24.62 1.13 -44.08
C SER E 165 23.10 1.34 -44.11
N THR E 166 22.33 0.25 -44.23
CA THR E 166 20.85 0.34 -44.22
C THR E 166 20.32 0.19 -42.79
N SER E 167 21.05 -0.55 -41.94
CA SER E 167 20.58 -0.79 -40.55
C SER E 167 21.76 -0.85 -39.58
N SER E 168 21.51 -0.55 -38.29
CA SER E 168 22.58 -0.67 -37.25
C SER E 168 22.03 -1.41 -36.05
N PHE E 169 22.88 -2.18 -35.35
CA PHE E 169 22.40 -3.01 -34.20
C PHE E 169 23.10 -2.59 -32.91
N CYS E 170 22.34 -2.41 -31.83
CA CYS E 170 22.94 -2.06 -30.50
C CYS E 170 23.53 -3.32 -29.88
N LEU E 171 24.87 -3.45 -29.87
CA LEU E 171 25.50 -4.65 -29.34
C LEU E 171 26.60 -4.28 -28.36
N ILE E 172 26.89 -5.23 -27.48
CA ILE E 172 27.90 -5.08 -26.44
C ILE E 172 29.28 -5.07 -27.09
N SER E 173 30.02 -3.98 -26.90
CA SER E 173 31.38 -3.82 -27.46
C SER E 173 32.33 -3.33 -26.38
N GLY E 174 32.91 -4.25 -25.60
CA GLY E 174 33.82 -3.91 -24.50
C GLY E 174 33.09 -3.90 -23.17
N SER E 175 33.04 -2.74 -22.51
CA SER E 175 32.35 -2.62 -21.22
C SER E 175 31.01 -1.93 -21.35
N SER E 176 30.64 -1.46 -22.54
CA SER E 176 29.37 -0.80 -22.78
C SER E 176 28.80 -1.27 -24.11
N VAL E 177 27.65 -0.72 -24.47
CA VAL E 177 26.95 -1.07 -25.69
C VAL E 177 27.13 0.05 -26.69
N GLN E 178 27.39 -0.30 -27.95
CA GLN E 178 27.51 0.67 -29.03
C GLN E 178 26.76 0.16 -30.24
N TRP E 179 26.51 1.07 -31.18
CA TRP E 179 25.94 0.68 -32.46
C TRP E 179 26.97 -0.06 -33.29
N SER E 180 26.49 -0.91 -34.20
CA SER E 180 27.41 -1.69 -35.07
C SER E 180 27.83 -0.83 -36.27
N ASP E 181 27.03 -0.84 -37.34
CA ASP E 181 27.36 -0.06 -38.56
C ASP E 181 27.34 1.43 -38.23
N PRO E 182 28.27 2.25 -38.75
CA PRO E 182 28.23 3.70 -38.53
C PRO E 182 27.15 4.32 -39.43
N LEU E 183 26.87 5.62 -39.23
CA LEU E 183 25.82 6.28 -40.04
C LEU E 183 26.29 6.36 -41.50
N PRO E 184 25.47 6.01 -42.53
CA PRO E 184 25.96 6.14 -43.89
C PRO E 184 25.94 7.59 -44.42
N GLU E 185 26.26 7.74 -45.69
CA GLU E 185 26.27 9.08 -46.36
C GLU E 185 25.23 9.09 -47.49
N CYS E 186 24.35 10.09 -47.50
CA CYS E 186 23.34 10.22 -48.59
C CYS E 186 22.79 11.65 -48.61
C1 PLM F . -8.53 -14.47 7.44
O1 PLM F . -8.30 -13.56 6.62
O2 PLM F . -8.40 -14.33 8.68
C2 PLM F . -8.99 -15.82 6.92
C3 PLM F . -10.16 -15.75 5.99
C4 PLM F . -10.82 -17.10 5.80
C5 PLM F . -12.06 -17.05 4.93
C6 PLM F . -13.03 -18.19 5.17
C7 PLM F . -12.55 -19.53 4.69
C8 PLM F . -13.57 -20.63 4.89
C9 PLM F . -13.28 -21.91 4.13
CA PLM F . -14.40 -22.90 4.18
CB PLM F . -14.24 -24.08 3.25
CC PLM F . -15.46 -24.96 3.17
CD PLM F . -15.34 -26.07 2.15
CE PLM F . -16.59 -26.91 2.01
CF PLM F . -16.48 -28.02 1.00
CG PLM F . -17.75 -28.80 0.80
#